data_1VAO
#
_entry.id   1VAO
#
_cell.length_a   130.240
_cell.length_b   130.240
_cell.length_c   133.510
_cell.angle_alpha   90.00
_cell.angle_beta   90.00
_cell.angle_gamma   90.00
#
_symmetry.space_group_name_H-M   'I 4'
#
loop_
_entity.id
_entity.type
_entity.pdbx_description
1 polymer 'VANILLYL-ALCOHOL OXIDASE'
2 non-polymer 'ACETATE ION'
3 non-polymer 'CHLORIDE ION'
4 non-polymer 'FLAVIN-ADENINE DINUCLEOTIDE'
5 water water
#
_entity_poly.entity_id   1
_entity_poly.type   'polypeptide(L)'
_entity_poly.pdbx_seq_one_letter_code
;MSKTQEFRPLTLPPKLSLSDFNEFIQDIIRIVGSENVEVISSKDQIVDGSYMKPTHTHDPHHVMDQDYFLASAIVAPRNV
ADVQSIVGLANKFSFPLWPISIGRNSGYGGAAPRVSGSVVLDMGKNMNRVLEVNVEGAYCVVEPGVTYHDLHNYLEANNL
RDKLWLDVPDLGGGSVLGNAVERGVGYTPYGDHWMMHSGMEVVLANGELLRTGMGALPDPKRPETMGLKPEDQPWSKIAH
LFPYGFGPYIDGLFSQSNMGIVTKIGIWLMPNPRGYQSYLITLPKDGDLKQAVDIIRPLRLGMALQNVPTIRHILLDAAV
LGDKRSYSSRTEPLSDEELDKIAKQLNLGRWNFYGALYGPEPIRRVLWETIKDAFSAIPGVKFYFPEDTPENSVLRVRDK
TMQGIPTYDELKWIDWLPNGAHLFFSPIAKVSGEDAMMQYAVTKKRCQEAGLDFIGTFTVGMREMHHIVCIVFNKKDLIQ
KRKVQWLMRTLIDDCAANGWGEYRTHLAFMDQIMETYNWNNSSFLRFNEVLKNAVDPNGIIAPGKSGVWPSQYSHVTWKL
;
_entity_poly.pdbx_strand_id   A,B
#
loop_
_chem_comp.id
_chem_comp.type
_chem_comp.name
_chem_comp.formula
ACT non-polymer 'ACETATE ION' 'C2 H3 O2 -1'
CL non-polymer 'CHLORIDE ION' 'Cl -1'
FAD non-polymer 'FLAVIN-ADENINE DINUCLEOTIDE' 'C27 H33 N9 O15 P2'
#
# COMPACT_ATOMS: atom_id res chain seq x y z
N GLU A 6 34.15 -11.72 -23.76
CA GLU A 6 34.56 -13.10 -23.48
C GLU A 6 33.80 -14.15 -24.31
N PHE A 7 34.63 -15.10 -24.69
CA PHE A 7 34.37 -16.33 -25.45
C PHE A 7 33.31 -17.49 -25.34
N ARG A 8 33.26 -18.31 -24.29
CA ARG A 8 32.27 -19.41 -24.33
C ARG A 8 31.76 -19.85 -22.94
N PRO A 9 30.56 -19.40 -22.59
CA PRO A 9 29.94 -19.72 -21.30
C PRO A 9 29.72 -21.19 -21.02
N LEU A 10 29.31 -21.52 -19.80
CA LEU A 10 29.03 -22.91 -19.51
C LEU A 10 27.57 -23.02 -19.94
N THR A 11 26.78 -21.96 -19.77
CA THR A 11 25.37 -22.03 -20.14
C THR A 11 24.84 -20.78 -20.78
N LEU A 12 24.19 -21.04 -21.91
CA LEU A 12 23.49 -20.12 -22.80
C LEU A 12 22.00 -20.15 -22.59
N PRO A 13 21.47 -18.94 -22.59
CA PRO A 13 20.05 -18.63 -22.42
C PRO A 13 19.28 -19.33 -23.51
N PRO A 14 17.96 -19.35 -23.45
CA PRO A 14 17.26 -20.03 -24.53
C PRO A 14 17.40 -19.47 -25.95
N LYS A 15 17.56 -20.43 -26.86
CA LYS A 15 17.69 -20.21 -28.30
C LYS A 15 18.81 -19.29 -28.75
N LEU A 16 19.77 -18.96 -27.89
CA LEU A 16 20.80 -18.05 -28.37
C LEU A 16 22.03 -18.76 -28.90
N SER A 17 22.48 -18.45 -30.12
CA SER A 17 23.68 -19.13 -30.58
C SER A 17 24.92 -18.60 -29.90
N LEU A 18 25.99 -19.37 -30.05
CA LEU A 18 27.21 -18.96 -29.42
C LEU A 18 27.71 -17.65 -29.98
N SER A 19 27.62 -17.48 -31.29
CA SER A 19 28.06 -16.25 -31.94
C SER A 19 27.19 -15.14 -31.39
N ASP A 20 25.89 -15.39 -31.29
CA ASP A 20 25.07 -14.33 -30.74
C ASP A 20 25.47 -13.95 -29.34
N PHE A 21 25.83 -14.95 -28.54
CA PHE A 21 26.24 -14.64 -27.18
C PHE A 21 27.43 -13.71 -27.33
N ASN A 22 28.40 -14.16 -28.11
CA ASN A 22 29.59 -13.35 -28.32
C ASN A 22 29.36 -11.99 -28.94
N GLU A 23 28.32 -11.82 -29.73
CA GLU A 23 28.18 -10.49 -30.31
C GLU A 23 27.68 -9.54 -29.23
N PHE A 24 26.58 -9.95 -28.61
CA PHE A 24 25.92 -9.23 -27.56
C PHE A 24 27.00 -8.91 -26.54
N ILE A 25 27.69 -9.97 -26.15
CA ILE A 25 28.72 -9.78 -25.14
C ILE A 25 29.72 -8.65 -25.43
N GLN A 26 30.13 -8.56 -26.69
CA GLN A 26 31.07 -7.51 -27.12
C GLN A 26 30.57 -6.07 -27.14
N ASP A 27 29.31 -5.94 -27.54
CA ASP A 27 28.59 -4.67 -27.62
C ASP A 27 28.60 -4.14 -26.19
N ILE A 28 28.30 -5.07 -25.30
CA ILE A 28 28.26 -4.72 -23.89
C ILE A 28 29.59 -4.32 -23.25
N ILE A 29 30.68 -4.97 -23.67
CA ILE A 29 31.97 -4.61 -23.07
C ILE A 29 32.15 -3.15 -23.51
N ARG A 30 31.80 -2.90 -24.76
CA ARG A 30 31.91 -1.56 -25.32
C ARG A 30 31.03 -0.62 -24.50
N ILE A 31 29.85 -1.03 -24.04
CA ILE A 31 29.08 -0.09 -23.23
C ILE A 31 29.62 0.11 -21.83
N VAL A 32 29.68 -0.96 -21.02
CA VAL A 32 30.16 -0.89 -19.63
C VAL A 32 31.61 -1.02 -19.19
N GLY A 33 32.50 -1.45 -20.07
CA GLY A 33 33.90 -1.64 -19.71
C GLY A 33 34.19 -3.11 -19.45
N SER A 34 35.38 -3.58 -19.82
CA SER A 34 35.68 -5.00 -19.61
C SER A 34 35.49 -5.43 -18.16
N GLU A 35 35.69 -4.40 -17.36
CA GLU A 35 35.62 -4.44 -15.93
C GLU A 35 34.25 -4.63 -15.33
N ASN A 36 33.28 -4.32 -16.17
CA ASN A 36 31.92 -4.45 -15.75
C ASN A 36 31.26 -5.73 -16.21
N VAL A 37 32.10 -6.65 -16.67
CA VAL A 37 31.52 -7.89 -17.16
C VAL A 37 32.43 -9.09 -17.00
N GLU A 38 31.80 -10.21 -16.65
CA GLU A 38 32.45 -11.50 -16.45
C GLU A 38 31.51 -12.61 -16.91
N VAL A 39 32.00 -13.24 -17.98
CA VAL A 39 31.36 -14.34 -18.64
C VAL A 39 31.78 -15.52 -17.82
N ILE A 40 30.92 -16.52 -17.74
CA ILE A 40 31.25 -17.70 -16.98
C ILE A 40 31.50 -18.97 -17.80
N SER A 41 32.79 -19.23 -18.08
CA SER A 41 33.28 -20.38 -18.88
C SER A 41 33.49 -21.70 -18.15
N VAL A 47 32.61 -21.75 -7.62
CA VAL A 47 32.07 -22.00 -6.28
C VAL A 47 31.50 -20.85 -5.42
N ASP A 48 30.52 -21.21 -4.58
CA ASP A 48 29.75 -20.36 -3.65
C ASP A 48 30.66 -19.39 -2.95
N GLY A 49 30.15 -18.41 -2.23
CA GLY A 49 31.21 -17.61 -1.64
C GLY A 49 31.04 -17.13 -0.21
N SER A 50 30.60 -15.89 -0.01
CA SER A 50 30.42 -15.40 1.36
C SER A 50 29.30 -14.39 1.54
N TYR A 51 28.69 -14.43 2.72
CA TYR A 51 27.63 -13.49 2.99
C TYR A 51 28.37 -12.16 2.93
N MET A 52 29.64 -12.25 3.28
CA MET A 52 30.57 -11.14 3.30
C MET A 52 31.02 -10.82 1.86
N LYS A 53 31.27 -11.82 1.02
CA LYS A 53 31.65 -11.54 -0.36
C LYS A 53 30.79 -12.47 -1.16
N PRO A 54 29.53 -12.03 -1.29
CA PRO A 54 28.51 -12.78 -2.00
C PRO A 54 28.77 -13.07 -3.48
N THR A 55 28.31 -14.24 -3.95
CA THR A 55 28.45 -14.71 -5.34
C THR A 55 27.28 -14.23 -6.19
N HIS A 56 27.59 -13.82 -7.42
CA HIS A 56 26.54 -13.35 -8.30
C HIS A 56 26.02 -14.36 -9.30
N THR A 57 26.84 -15.38 -9.55
CA THR A 57 26.54 -16.45 -10.48
C THR A 57 25.48 -17.52 -10.18
N HIS A 58 25.24 -17.78 -8.91
CA HIS A 58 24.31 -18.84 -8.57
C HIS A 58 24.02 -18.74 -7.08
N ASP A 59 23.24 -19.73 -6.66
CA ASP A 59 22.77 -19.99 -5.30
C ASP A 59 23.93 -20.64 -4.49
N PRO A 60 24.39 -19.97 -3.45
CA PRO A 60 25.48 -20.46 -2.60
C PRO A 60 25.05 -21.50 -1.58
N HIS A 61 23.80 -21.32 -1.15
CA HIS A 61 23.01 -22.10 -0.21
C HIS A 61 22.20 -23.03 -1.07
N HIS A 62 22.82 -23.47 -2.14
CA HIS A 62 22.06 -24.36 -2.99
C HIS A 62 21.44 -25.72 -2.61
N VAL A 63 20.11 -25.84 -2.76
CA VAL A 63 19.24 -27.02 -2.53
C VAL A 63 19.30 -28.04 -3.70
N MET A 64 19.25 -27.48 -4.90
CA MET A 64 19.32 -28.24 -6.13
C MET A 64 20.83 -28.35 -6.27
N ASP A 65 21.23 -28.75 -7.46
CA ASP A 65 22.63 -28.93 -7.82
C ASP A 65 23.23 -27.53 -7.84
N GLN A 66 24.51 -27.40 -7.49
CA GLN A 66 25.21 -26.11 -7.45
C GLN A 66 25.02 -25.18 -8.67
N ASP A 67 25.33 -25.67 -9.88
CA ASP A 67 25.16 -24.89 -11.10
C ASP A 67 23.75 -25.07 -11.70
N TYR A 68 22.82 -25.56 -10.90
CA TYR A 68 21.47 -25.76 -11.38
C TYR A 68 20.92 -24.47 -11.91
N PHE A 69 20.98 -23.43 -11.10
CA PHE A 69 20.47 -22.15 -11.58
C PHE A 69 21.78 -21.35 -11.80
N LEU A 70 22.10 -20.99 -13.04
CA LEU A 70 23.37 -20.29 -13.28
C LEU A 70 23.44 -19.28 -14.42
N ALA A 71 24.14 -18.20 -14.15
CA ALA A 71 24.30 -17.13 -15.11
C ALA A 71 25.21 -17.40 -16.31
N SER A 72 24.98 -16.72 -17.43
CA SER A 72 25.89 -16.98 -18.52
C SER A 72 27.05 -15.98 -18.33
N ALA A 73 26.68 -14.77 -17.87
CA ALA A 73 27.68 -13.72 -17.66
C ALA A 73 27.22 -12.71 -16.63
N ILE A 74 28.18 -12.09 -15.96
CA ILE A 74 27.78 -11.10 -14.98
C ILE A 74 28.01 -9.71 -15.51
N VAL A 75 27.00 -8.84 -15.46
CA VAL A 75 27.20 -7.46 -15.97
C VAL A 75 26.79 -6.30 -15.08
N ALA A 76 27.80 -5.48 -14.81
CA ALA A 76 27.68 -4.30 -13.97
C ALA A 76 27.53 -2.93 -14.60
N PRO A 77 26.26 -2.51 -14.77
CA PRO A 77 25.90 -1.20 -15.34
C PRO A 77 26.58 -0.13 -14.50
N ARG A 78 27.18 0.85 -15.18
CA ARG A 78 27.83 1.91 -14.41
C ARG A 78 26.80 2.95 -14.00
N ASN A 79 25.67 3.00 -14.68
CA ASN A 79 24.69 4.03 -14.31
C ASN A 79 23.32 3.78 -14.94
N VAL A 80 22.26 4.55 -14.71
CA VAL A 80 21.02 4.18 -15.41
C VAL A 80 21.09 4.08 -16.93
N ALA A 81 21.94 4.87 -17.58
CA ALA A 81 21.94 4.74 -19.04
C ALA A 81 22.30 3.36 -19.56
N ASP A 82 23.29 2.78 -18.87
CA ASP A 82 23.75 1.45 -19.26
C ASP A 82 22.61 0.45 -19.22
N VAL A 83 21.85 0.52 -18.13
CA VAL A 83 20.71 -0.34 -17.94
C VAL A 83 19.84 -0.10 -19.17
N GLN A 84 19.55 1.14 -19.55
CA GLN A 84 18.71 1.32 -20.75
C GLN A 84 19.32 0.67 -21.98
N SER A 85 20.64 0.70 -22.07
CA SER A 85 21.40 0.11 -23.16
C SER A 85 21.40 -1.40 -23.14
N ILE A 86 21.60 -1.95 -21.96
CA ILE A 86 21.59 -3.40 -21.93
C ILE A 86 20.19 -3.88 -22.31
N VAL A 87 19.16 -3.27 -21.78
CA VAL A 87 17.83 -3.70 -22.14
C VAL A 87 17.52 -3.60 -23.62
N GLY A 88 18.08 -2.61 -24.30
CA GLY A 88 17.81 -2.48 -25.73
C GLY A 88 18.45 -3.67 -26.43
N LEU A 89 19.68 -3.97 -26.04
CA LEU A 89 20.40 -5.10 -26.60
C LEU A 89 19.74 -6.40 -26.20
N ALA A 90 19.28 -6.49 -24.96
CA ALA A 90 18.64 -7.75 -24.59
C ALA A 90 17.38 -7.92 -25.48
N ASN A 91 16.65 -6.85 -25.80
CA ASN A 91 15.47 -7.04 -26.63
C ASN A 91 15.92 -7.36 -28.07
N LYS A 92 17.12 -6.96 -28.44
CA LYS A 92 17.52 -7.26 -29.81
C LYS A 92 17.71 -8.76 -29.97
N PHE A 93 18.53 -9.32 -29.10
CA PHE A 93 18.82 -10.73 -29.09
C PHE A 93 17.85 -11.53 -28.27
N SER A 94 16.88 -10.95 -27.60
CA SER A 94 16.08 -11.88 -26.83
C SER A 94 16.87 -12.64 -25.72
N PHE A 95 17.75 -11.90 -25.04
CA PHE A 95 18.62 -12.37 -23.96
C PHE A 95 17.90 -12.05 -22.65
N PRO A 96 17.65 -12.98 -21.72
CA PRO A 96 16.93 -12.54 -20.52
C PRO A 96 17.87 -12.00 -19.48
N LEU A 97 17.32 -11.00 -18.79
CA LEU A 97 18.00 -10.29 -17.72
C LEU A 97 17.61 -10.78 -16.31
N TRP A 98 18.53 -10.76 -15.33
CA TRP A 98 18.17 -11.19 -13.97
C TRP A 98 18.86 -10.12 -13.12
N PRO A 99 18.04 -9.13 -12.80
CA PRO A 99 18.47 -7.98 -12.00
C PRO A 99 18.54 -8.26 -10.47
N ILE A 100 19.68 -7.90 -9.88
CA ILE A 100 19.83 -8.12 -8.45
C ILE A 100 20.42 -6.78 -7.93
N SER A 101 20.19 -6.43 -6.65
CA SER A 101 20.72 -5.18 -6.08
C SER A 101 22.06 -5.51 -5.40
N ILE A 102 21.99 -6.50 -4.52
CA ILE A 102 23.14 -6.92 -3.77
C ILE A 102 23.29 -8.46 -3.86
N GLY A 103 22.18 -9.18 -4.07
CA GLY A 103 22.38 -10.62 -4.20
C GLY A 103 22.40 -11.39 -2.89
N ARG A 104 22.10 -10.74 -1.79
CA ARG A 104 22.09 -11.52 -0.55
C ARG A 104 20.76 -12.21 -0.37
N ASN A 105 20.00 -12.56 -1.39
CA ASN A 105 18.71 -13.22 -1.12
C ASN A 105 18.95 -14.73 -0.79
N SER A 106 20.05 -15.08 -0.11
CA SER A 106 20.38 -16.48 0.28
C SER A 106 19.13 -16.89 1.07
N GLY A 107 18.79 -18.17 1.11
CA GLY A 107 17.57 -18.62 1.80
C GLY A 107 16.48 -18.60 0.72
N TYR A 108 16.65 -17.84 -0.38
CA TYR A 108 15.67 -17.75 -1.48
C TYR A 108 16.25 -17.92 -2.87
N GLY A 109 17.56 -18.12 -2.86
CA GLY A 109 18.21 -18.32 -4.14
C GLY A 109 19.49 -17.51 -4.28
N GLY A 110 19.66 -16.44 -3.51
CA GLY A 110 20.87 -15.65 -3.70
C GLY A 110 20.74 -14.83 -5.02
N ALA A 111 21.88 -14.60 -5.66
CA ALA A 111 22.03 -13.89 -6.93
C ALA A 111 21.53 -14.67 -8.15
N ALA A 112 21.36 -15.99 -8.03
CA ALA A 112 20.88 -16.85 -9.11
C ALA A 112 19.52 -16.48 -9.70
N PRO A 113 19.49 -16.62 -11.03
CA PRO A 113 18.40 -16.37 -12.00
C PRO A 113 17.45 -17.54 -12.14
N ARG A 114 16.13 -17.37 -12.29
CA ARG A 114 15.24 -18.54 -12.40
C ARG A 114 15.65 -19.38 -13.65
N VAL A 115 15.92 -18.68 -14.75
CA VAL A 115 16.33 -19.26 -16.00
C VAL A 115 17.84 -19.29 -16.19
N SER A 116 18.48 -20.44 -16.25
CA SER A 116 19.94 -20.48 -16.45
C SER A 116 20.41 -19.97 -17.84
N GLY A 117 21.58 -19.32 -17.88
CA GLY A 117 22.14 -18.77 -19.11
C GLY A 117 21.79 -17.29 -19.20
N SER A 118 20.94 -16.79 -18.30
CA SER A 118 20.54 -15.37 -18.28
C SER A 118 21.76 -14.55 -17.89
N VAL A 119 21.69 -13.25 -18.17
CA VAL A 119 22.79 -12.36 -17.78
C VAL A 119 22.40 -11.88 -16.39
N VAL A 120 23.32 -11.91 -15.42
CA VAL A 120 22.99 -11.41 -14.08
C VAL A 120 23.40 -9.95 -14.08
N LEU A 121 22.48 -9.08 -13.69
CA LEU A 121 22.85 -7.68 -13.72
C LEU A 121 23.21 -7.16 -12.32
N ASP A 122 24.47 -7.02 -11.92
CA ASP A 122 24.54 -6.48 -10.56
C ASP A 122 24.53 -4.98 -10.59
N MET A 123 23.34 -4.48 -10.29
CA MET A 123 23.01 -3.07 -10.26
C MET A 123 23.82 -2.41 -9.13
N GLY A 124 23.86 -3.11 -8.01
CA GLY A 124 24.55 -2.63 -6.84
C GLY A 124 26.05 -2.29 -6.93
N LYS A 125 26.83 -2.92 -7.79
CA LYS A 125 28.24 -2.56 -7.78
C LYS A 125 28.57 -1.11 -8.05
N ASN A 126 28.10 -0.62 -9.19
CA ASN A 126 28.37 0.76 -9.55
C ASN A 126 27.30 1.74 -9.15
N MET A 127 26.09 1.23 -8.98
CA MET A 127 24.94 2.03 -8.58
C MET A 127 24.63 2.04 -7.09
N ASN A 128 25.66 2.37 -6.31
CA ASN A 128 25.71 2.49 -4.85
C ASN A 128 25.29 3.73 -4.08
N ARG A 129 24.82 4.78 -4.73
CA ARG A 129 24.55 5.99 -3.95
C ARG A 129 23.44 6.41 -3.01
N VAL A 130 23.80 7.06 -1.90
CA VAL A 130 22.71 7.52 -1.03
C VAL A 130 22.31 8.80 -1.77
N LEU A 131 21.15 8.81 -2.39
CA LEU A 131 20.76 10.01 -3.13
C LEU A 131 20.25 11.16 -2.30
N GLU A 132 19.76 10.87 -1.12
CA GLU A 132 19.26 11.94 -0.29
C GLU A 132 18.75 11.42 1.03
N VAL A 133 18.89 12.23 2.08
CA VAL A 133 18.39 11.85 3.40
C VAL A 133 17.70 13.17 3.69
N ASN A 134 16.36 13.19 3.67
CA ASN A 134 15.59 14.39 3.97
C ASN A 134 15.04 14.38 5.40
N VAL A 135 15.56 15.32 6.20
CA VAL A 135 15.15 15.42 7.60
C VAL A 135 13.77 15.95 7.88
N GLU A 136 13.36 17.02 7.22
CA GLU A 136 12.02 17.50 7.54
C GLU A 136 10.95 16.54 7.08
N GLY A 137 11.18 16.00 5.89
CA GLY A 137 10.31 15.04 5.24
C GLY A 137 10.51 13.68 5.88
N ALA A 138 11.63 13.48 6.56
CA ALA A 138 11.89 12.20 7.24
C ALA A 138 11.90 11.02 6.29
N TYR A 139 12.78 11.14 5.28
CA TYR A 139 12.95 10.12 4.26
C TYR A 139 14.39 10.05 3.68
N CYS A 140 14.68 9.02 2.88
CA CYS A 140 15.98 8.88 2.22
C CYS A 140 15.54 8.41 0.83
N VAL A 141 16.46 8.53 -0.13
CA VAL A 141 16.23 8.14 -1.52
C VAL A 141 17.49 7.33 -1.83
N VAL A 142 17.27 6.15 -2.42
CA VAL A 142 18.37 5.27 -2.71
C VAL A 142 18.44 4.43 -4.02
N GLU A 143 19.69 4.03 -4.32
CA GLU A 143 20.18 3.19 -5.41
C GLU A 143 20.38 1.77 -4.87
N PRO A 144 20.31 0.80 -5.75
CA PRO A 144 20.45 -0.57 -5.27
C PRO A 144 21.67 -0.93 -4.45
N GLY A 145 22.85 -0.47 -4.83
CA GLY A 145 24.06 -0.80 -4.10
C GLY A 145 24.04 -0.28 -2.67
N VAL A 146 22.99 0.45 -2.30
CA VAL A 146 23.00 0.93 -0.94
C VAL A 146 22.54 -0.10 0.08
N THR A 147 23.50 -0.66 0.79
CA THR A 147 23.16 -1.64 1.80
C THR A 147 22.80 -0.91 3.07
N TYR A 148 22.27 -1.71 3.97
CA TYR A 148 21.89 -1.21 5.26
C TYR A 148 23.03 -0.60 6.10
N HIS A 149 24.19 -1.26 6.17
CA HIS A 149 25.35 -0.80 6.98
C HIS A 149 25.73 0.57 6.45
N ASP A 150 25.86 0.57 5.12
CA ASP A 150 26.19 1.74 4.33
C ASP A 150 25.22 2.81 4.72
N LEU A 151 23.91 2.56 4.70
CA LEU A 151 23.00 3.67 5.08
C LEU A 151 23.28 4.22 6.46
N HIS A 152 23.63 3.28 7.34
CA HIS A 152 23.93 3.59 8.73
C HIS A 152 25.16 4.48 8.84
N ASN A 153 26.22 4.00 8.19
CA ASN A 153 27.46 4.73 8.19
C ASN A 153 27.22 6.10 7.55
N TYR A 154 26.32 6.13 6.58
CA TYR A 154 26.03 7.40 5.94
C TYR A 154 25.44 8.31 7.03
N LEU A 155 24.46 7.84 7.79
CA LEU A 155 23.90 8.69 8.82
C LEU A 155 24.87 9.12 9.90
N GLU A 156 25.73 8.21 10.32
CA GLU A 156 26.72 8.46 11.37
C GLU A 156 27.67 9.59 11.02
N ALA A 157 28.32 9.40 9.88
CA ALA A 157 29.30 10.32 9.35
C ALA A 157 28.73 11.62 8.85
N ASN A 158 27.44 11.82 9.03
CA ASN A 158 26.80 13.04 8.57
C ASN A 158 26.02 13.38 9.81
N ASN A 159 26.42 12.74 10.90
CA ASN A 159 25.79 12.96 12.19
C ASN A 159 24.27 12.90 12.28
N LEU A 160 23.60 12.25 11.33
CA LEU A 160 22.15 12.17 11.31
C LEU A 160 21.48 11.18 12.28
N ARG A 161 22.34 10.48 12.99
CA ARG A 161 21.85 9.49 13.94
C ARG A 161 20.84 9.97 14.95
N ASP A 162 21.04 11.18 15.43
CA ASP A 162 20.16 11.75 16.43
C ASP A 162 18.81 12.24 15.97
N LYS A 163 18.64 12.36 14.66
CA LYS A 163 17.36 12.84 14.17
C LYS A 163 16.58 11.72 13.56
N LEU A 164 17.27 10.81 12.90
CA LEU A 164 16.52 9.75 12.27
C LEU A 164 17.02 8.33 12.41
N TRP A 165 16.08 7.44 12.62
CA TRP A 165 16.40 6.02 12.74
C TRP A 165 16.13 5.09 11.53
N LEU A 166 17.04 4.15 11.26
CA LEU A 166 16.89 3.13 10.17
C LEU A 166 15.97 1.98 10.67
N ASP A 167 15.67 1.05 9.78
CA ASP A 167 14.83 -0.09 10.13
C ASP A 167 15.47 -1.19 9.31
N VAL A 168 16.08 -2.07 10.07
CA VAL A 168 16.80 -3.21 9.55
C VAL A 168 16.18 -4.59 9.73
N PRO A 169 16.53 -5.51 8.84
CA PRO A 169 16.03 -6.88 8.95
C PRO A 169 17.10 -7.51 9.89
N ASP A 170 17.08 -8.82 10.12
CA ASP A 170 18.07 -9.46 10.99
C ASP A 170 19.57 -9.24 10.66
N LEU A 171 19.94 -9.18 9.38
CA LEU A 171 21.30 -8.95 8.90
C LEU A 171 21.63 -7.55 8.36
N GLY A 172 22.89 -7.09 8.41
CA GLY A 172 23.30 -5.77 7.89
C GLY A 172 23.65 -5.53 6.39
N GLY A 173 24.05 -6.59 5.70
CA GLY A 173 24.42 -6.52 4.29
C GLY A 173 23.35 -6.40 3.18
N GLY A 174 22.07 -6.57 3.51
CA GLY A 174 21.10 -6.45 2.44
C GLY A 174 21.00 -5.03 1.90
N SER A 175 20.36 -4.92 0.74
CA SER A 175 20.09 -3.69 0.01
C SER A 175 18.79 -3.13 0.56
N VAL A 176 18.80 -1.84 0.84
CA VAL A 176 17.56 -1.26 1.38
C VAL A 176 16.46 -1.36 0.35
N LEU A 177 16.92 -1.22 -0.88
CA LEU A 177 16.04 -1.29 -2.02
C LEU A 177 15.48 -2.66 -2.40
N GLY A 178 16.41 -3.59 -2.60
CA GLY A 178 16.01 -4.93 -2.96
C GLY A 178 15.10 -5.55 -1.93
N ASN A 179 15.43 -5.34 -0.65
CA ASN A 179 14.60 -5.91 0.40
C ASN A 179 13.18 -5.42 0.28
N ALA A 180 13.09 -4.12 0.05
CA ALA A 180 11.77 -3.50 -0.06
C ALA A 180 10.88 -3.99 -1.18
N VAL A 181 11.58 -4.32 -2.26
CA VAL A 181 10.86 -4.83 -3.46
C VAL A 181 10.31 -6.19 -3.14
N GLU A 182 11.10 -7.00 -2.44
CA GLU A 182 10.72 -8.33 -2.00
C GLU A 182 9.66 -8.27 -0.95
N ARG A 183 9.41 -7.04 -0.46
CA ARG A 183 8.42 -6.82 0.60
C ARG A 183 8.95 -7.39 1.92
N GLY A 184 10.28 -7.26 2.06
CA GLY A 184 11.03 -7.72 3.24
C GLY A 184 10.53 -7.16 4.58
N VAL A 185 11.17 -7.57 5.68
CA VAL A 185 10.70 -7.10 6.99
C VAL A 185 11.79 -6.89 8.01
N GLY A 186 11.49 -5.93 8.89
CA GLY A 186 12.42 -5.58 9.93
C GLY A 186 11.66 -5.32 11.22
N TYR A 187 12.44 -5.10 12.24
CA TYR A 187 11.85 -4.91 13.54
C TYR A 187 11.40 -3.66 14.30
N THR A 188 11.52 -2.45 13.75
CA THR A 188 11.09 -1.26 14.50
C THR A 188 9.59 -1.01 14.22
N PRO A 189 9.04 0.15 14.57
CA PRO A 189 7.62 0.32 14.25
C PRO A 189 7.51 0.54 12.71
N TYR A 190 8.64 0.74 12.06
CA TYR A 190 8.65 0.93 10.61
C TYR A 190 9.02 -0.38 9.89
N GLY A 191 8.70 -1.54 10.50
CA GLY A 191 9.05 -2.83 9.91
C GLY A 191 8.52 -3.23 8.54
N ASP A 192 7.28 -2.85 8.22
CA ASP A 192 6.72 -3.22 6.93
C ASP A 192 7.52 -2.37 5.92
N HIS A 193 8.64 -2.93 5.47
CA HIS A 193 9.44 -2.18 4.55
C HIS A 193 8.76 -1.59 3.32
N TRP A 194 8.11 -2.48 2.59
CA TRP A 194 7.44 -2.04 1.41
C TRP A 194 6.43 -0.91 1.63
N MET A 195 5.63 -1.01 2.69
CA MET A 195 4.66 0.03 2.97
C MET A 195 5.29 1.39 3.33
N MET A 196 6.62 1.41 3.47
CA MET A 196 7.37 2.62 3.80
C MET A 196 7.99 3.46 2.67
N HIS A 197 7.87 2.94 1.45
CA HIS A 197 8.40 3.53 0.22
C HIS A 197 7.52 4.62 -0.37
N SER A 198 8.10 5.54 -1.12
CA SER A 198 7.26 6.56 -1.78
C SER A 198 8.15 6.97 -2.95
N GLY A 199 7.55 6.98 -4.14
CA GLY A 199 8.20 7.36 -5.40
C GLY A 199 9.43 6.57 -5.78
N MET A 200 9.28 5.73 -6.79
CA MET A 200 10.41 4.97 -7.23
C MET A 200 10.51 5.07 -8.72
N GLU A 201 11.74 4.83 -9.13
CA GLU A 201 12.15 4.83 -10.51
C GLU A 201 12.52 3.44 -11.04
N VAL A 202 12.00 3.15 -12.22
CA VAL A 202 12.23 1.87 -12.86
C VAL A 202 12.45 2.05 -14.36
N VAL A 203 13.27 1.14 -14.90
CA VAL A 203 13.56 1.06 -16.33
C VAL A 203 12.51 0.02 -16.82
N LEU A 204 11.60 0.38 -17.71
CA LEU A 204 10.62 -0.60 -18.19
C LEU A 204 11.32 -1.58 -19.13
N ALA A 205 10.58 -2.58 -19.58
CA ALA A 205 11.15 -3.62 -20.47
C ALA A 205 11.49 -3.09 -21.84
N ASN A 206 10.78 -2.00 -22.16
CA ASN A 206 10.94 -1.28 -23.41
C ASN A 206 12.17 -0.36 -23.35
N GLY A 207 12.69 -0.19 -22.14
CA GLY A 207 13.87 0.64 -21.90
C GLY A 207 13.58 2.04 -21.40
N GLU A 208 12.29 2.39 -21.40
CA GLU A 208 11.87 3.67 -20.96
C GLU A 208 11.78 3.75 -19.45
N LEU A 209 12.10 4.95 -18.95
CA LEU A 209 12.08 5.35 -17.55
C LEU A 209 10.71 5.80 -17.08
N LEU A 210 10.43 5.35 -15.85
CA LEU A 210 9.18 5.66 -15.22
C LEU A 210 9.42 6.04 -13.73
N ARG A 211 8.61 6.95 -13.15
CA ARG A 211 8.81 7.37 -11.77
C ARG A 211 7.38 7.29 -11.30
N THR A 212 7.15 6.63 -10.17
CA THR A 212 5.79 6.45 -9.68
C THR A 212 5.20 7.50 -8.79
N GLY A 213 3.89 7.47 -8.62
CA GLY A 213 3.20 8.43 -7.78
C GLY A 213 3.43 9.89 -8.21
N MET A 214 3.81 10.69 -7.22
CA MET A 214 4.11 12.13 -7.27
C MET A 214 5.47 12.24 -7.95
N GLY A 215 6.05 11.08 -8.26
CA GLY A 215 7.32 11.03 -8.95
C GLY A 215 6.95 11.42 -10.40
N ALA A 216 5.69 11.27 -10.80
CA ALA A 216 5.31 11.63 -12.16
C ALA A 216 5.10 13.14 -12.40
N LEU A 217 4.83 13.81 -11.30
CA LEU A 217 4.62 15.26 -11.26
C LEU A 217 6.06 15.76 -11.33
N PRO A 218 6.42 16.34 -12.46
CA PRO A 218 7.78 16.83 -12.63
C PRO A 218 8.22 18.04 -11.79
N ASP A 219 9.46 18.03 -11.30
CA ASP A 219 9.94 19.17 -10.50
C ASP A 219 9.89 20.35 -11.48
N PRO A 220 9.59 21.55 -11.00
CA PRO A 220 9.51 22.69 -11.91
C PRO A 220 10.91 23.06 -12.43
N LYS A 221 10.94 23.72 -13.59
CA LYS A 221 12.19 24.10 -14.25
C LYS A 221 13.04 25.18 -13.66
N ARG A 222 14.35 25.03 -13.87
CA ARG A 222 15.27 26.02 -13.35
C ARG A 222 16.65 25.78 -13.94
N PRO A 223 17.32 26.90 -14.05
CA PRO A 223 18.66 26.98 -14.63
C PRO A 223 19.54 25.86 -14.18
N GLU A 224 19.72 25.80 -12.88
CA GLU A 224 20.57 24.79 -12.21
C GLU A 224 20.33 23.37 -12.69
N THR A 225 19.07 23.06 -12.94
CA THR A 225 18.64 21.75 -13.39
C THR A 225 18.49 21.53 -14.88
N MET A 226 18.80 22.53 -15.71
CA MET A 226 18.61 22.35 -17.15
C MET A 226 19.47 21.36 -17.93
N GLY A 227 18.80 20.58 -18.74
CA GLY A 227 19.64 19.69 -19.51
C GLY A 227 20.23 18.44 -18.90
N LEU A 228 19.77 18.11 -17.70
CA LEU A 228 20.24 16.92 -17.04
C LEU A 228 19.41 15.76 -17.66
N LYS A 229 20.00 14.55 -17.75
CA LYS A 229 19.35 13.34 -18.24
C LYS A 229 18.18 13.07 -17.29
N PRO A 230 17.04 12.51 -17.67
CA PRO A 230 15.93 12.29 -16.71
C PRO A 230 16.25 11.49 -15.44
N GLU A 231 17.12 10.49 -15.62
CA GLU A 231 17.61 9.58 -14.59
C GLU A 231 18.13 10.57 -13.52
N ASP A 232 18.83 11.59 -14.02
CA ASP A 232 19.47 12.68 -13.25
C ASP A 232 18.71 13.88 -12.72
N GLN A 233 17.42 13.98 -13.02
CA GLN A 233 16.63 15.09 -12.55
C GLN A 233 16.18 14.91 -11.14
N PRO A 234 16.12 16.02 -10.43
CA PRO A 234 15.65 15.96 -9.07
C PRO A 234 14.17 15.60 -9.21
N TRP A 235 13.58 15.33 -8.05
CA TRP A 235 12.17 14.97 -7.95
C TRP A 235 11.32 16.12 -7.41
N SER A 236 10.04 16.14 -7.71
CA SER A 236 9.09 17.16 -7.23
C SER A 236 9.04 17.11 -5.67
N LYS A 237 8.49 18.12 -5.02
CA LYS A 237 8.43 18.17 -3.54
C LYS A 237 7.73 17.04 -2.79
N ILE A 238 6.59 16.58 -3.32
CA ILE A 238 5.83 15.49 -2.74
C ILE A 238 6.23 14.04 -3.16
N ALA A 239 7.21 13.86 -4.05
CA ALA A 239 7.65 12.54 -4.54
C ALA A 239 7.77 11.43 -3.48
N HIS A 240 8.49 11.82 -2.43
CA HIS A 240 8.75 10.97 -1.29
C HIS A 240 7.95 11.17 -0.03
N LEU A 241 6.73 11.69 -0.14
CA LEU A 241 5.91 11.91 1.04
C LEU A 241 4.49 11.43 0.89
N PHE A 242 4.07 11.10 -0.31
CA PHE A 242 2.71 10.63 -0.53
C PHE A 242 2.91 9.67 -1.69
N PRO A 243 2.87 8.37 -1.40
CA PRO A 243 3.05 7.34 -2.41
C PRO A 243 2.00 7.35 -3.53
N TYR A 244 0.75 7.66 -3.22
CA TYR A 244 -0.23 7.63 -4.26
C TYR A 244 -0.19 8.43 -5.55
N GLY A 245 0.27 9.68 -5.55
CA GLY A 245 0.26 10.46 -6.79
C GLY A 245 -1.21 10.57 -7.22
N PHE A 246 -1.48 10.41 -8.53
CA PHE A 246 -2.85 10.50 -9.05
C PHE A 246 -3.17 9.30 -9.98
N GLY A 247 -4.43 8.87 -10.11
CA GLY A 247 -4.80 7.74 -10.97
C GLY A 247 -4.49 6.31 -10.42
N PRO A 248 -4.42 5.30 -11.30
CA PRO A 248 -4.11 3.95 -10.88
C PRO A 248 -2.84 3.94 -10.08
N TYR A 249 -2.85 3.32 -8.90
CA TYR A 249 -1.66 3.22 -8.04
C TYR A 249 -0.93 1.94 -8.44
N ILE A 250 -0.07 2.04 -9.43
CA ILE A 250 0.68 0.91 -9.99
C ILE A 250 1.99 0.43 -9.37
N ASP A 251 2.43 1.13 -8.31
CA ASP A 251 3.71 0.74 -7.67
C ASP A 251 3.94 -0.73 -7.27
N GLY A 252 2.88 -1.42 -6.87
CA GLY A 252 2.93 -2.84 -6.45
C GLY A 252 3.28 -3.84 -7.56
N LEU A 253 3.02 -3.50 -8.82
CA LEU A 253 3.33 -4.39 -9.93
C LEU A 253 4.86 -4.47 -9.91
N PHE A 254 5.51 -3.64 -9.08
CA PHE A 254 6.96 -3.63 -8.96
C PHE A 254 7.51 -4.48 -7.83
N SER A 255 6.66 -5.03 -6.96
CA SER A 255 7.14 -5.90 -5.86
C SER A 255 6.92 -7.41 -6.15
N GLN A 256 7.99 -8.18 -6.12
CA GLN A 256 7.90 -9.62 -6.37
C GLN A 256 7.25 -9.80 -7.71
N SER A 257 7.86 -9.18 -8.72
CA SER A 257 7.28 -9.28 -10.04
C SER A 257 8.45 -9.06 -10.95
N ASN A 258 8.19 -9.36 -12.24
CA ASN A 258 9.08 -9.22 -13.38
C ASN A 258 8.79 -8.03 -14.30
N MET A 259 7.97 -7.12 -13.75
CA MET A 259 7.51 -5.88 -14.35
C MET A 259 8.52 -4.80 -14.67
N GLY A 260 9.70 -4.80 -14.05
CA GLY A 260 10.71 -3.78 -14.38
C GLY A 260 12.04 -3.83 -13.60
N ILE A 261 12.96 -2.90 -13.92
CA ILE A 261 14.27 -2.84 -13.21
C ILE A 261 14.17 -1.59 -12.33
N VAL A 262 14.33 -1.77 -11.02
CA VAL A 262 14.22 -0.61 -10.12
C VAL A 262 15.55 0.08 -9.99
N THR A 263 15.56 1.36 -10.41
CA THR A 263 16.77 2.15 -10.34
C THR A 263 16.94 2.94 -9.06
N LYS A 264 15.82 3.27 -8.40
CA LYS A 264 15.89 4.08 -7.19
C LYS A 264 14.61 4.05 -6.42
N ILE A 265 14.71 4.38 -5.14
CA ILE A 265 13.46 4.37 -4.42
C ILE A 265 13.56 5.23 -3.16
N GLY A 266 12.41 5.79 -2.79
CA GLY A 266 12.31 6.60 -1.59
C GLY A 266 11.75 5.67 -0.51
N ILE A 267 12.40 5.62 0.64
CA ILE A 267 11.96 4.78 1.78
C ILE A 267 11.94 5.69 3.00
N TRP A 268 10.75 5.86 3.59
CA TRP A 268 10.55 6.67 4.78
C TRP A 268 11.35 6.40 6.06
N LEU A 269 11.88 7.43 6.70
CA LEU A 269 12.64 7.23 7.94
C LEU A 269 11.95 7.68 9.26
N MET A 270 12.10 6.87 10.30
CA MET A 270 11.54 7.13 11.62
C MET A 270 12.43 8.10 12.42
N PRO A 271 11.87 9.22 12.88
CA PRO A 271 12.64 10.17 13.66
C PRO A 271 12.95 9.51 14.99
N ASN A 272 14.10 9.89 15.56
CA ASN A 272 14.53 9.38 16.84
C ASN A 272 13.31 9.66 17.69
N PRO A 273 12.86 8.59 18.35
CA PRO A 273 11.69 8.56 19.20
C PRO A 273 11.77 9.21 20.58
N ARG A 274 12.95 9.56 21.02
CA ARG A 274 13.03 10.16 22.35
C ARG A 274 12.93 9.11 23.46
N GLY A 275 13.47 7.93 23.25
CA GLY A 275 13.35 6.94 24.30
C GLY A 275 13.19 5.60 23.64
N TYR A 276 13.87 4.62 24.22
CA TYR A 276 13.81 3.26 23.69
C TYR A 276 14.16 2.20 24.71
N GLN A 277 13.32 1.17 24.84
CA GLN A 277 13.64 0.08 25.77
C GLN A 277 13.26 -1.26 25.17
N SER A 278 14.29 -2.07 25.00
CA SER A 278 14.12 -3.40 24.46
C SER A 278 14.06 -4.48 25.55
N TYR A 279 13.36 -5.57 25.26
CA TYR A 279 13.26 -6.61 26.26
C TYR A 279 12.95 -8.01 25.77
N LEU A 280 13.03 -8.94 26.73
CA LEU A 280 12.79 -10.35 26.51
C LEU A 280 11.89 -10.90 27.55
N ILE A 281 11.08 -11.84 27.11
CA ILE A 281 10.15 -12.49 28.01
C ILE A 281 10.29 -13.94 27.63
N THR A 282 10.76 -14.74 28.59
CA THR A 282 10.91 -16.15 28.30
C THR A 282 9.62 -16.91 28.60
N LEU A 283 9.20 -17.78 27.67
CA LEU A 283 7.97 -18.60 27.78
C LEU A 283 8.53 -19.98 28.09
N PRO A 284 8.22 -20.47 29.28
CA PRO A 284 8.78 -21.74 29.64
C PRO A 284 8.44 -23.00 28.84
N LYS A 285 7.15 -23.31 28.69
CA LYS A 285 6.71 -24.49 27.93
C LYS A 285 6.46 -24.37 26.39
N ASP A 286 6.79 -25.41 25.64
CA ASP A 286 6.59 -25.48 24.18
C ASP A 286 5.14 -25.08 23.86
N GLY A 287 4.22 -25.55 24.69
CA GLY A 287 2.78 -25.28 24.55
C GLY A 287 2.39 -23.86 24.88
N ASP A 288 3.33 -23.12 25.41
CA ASP A 288 3.01 -21.71 25.76
C ASP A 288 2.74 -20.74 24.58
N LEU A 289 3.22 -21.16 23.39
CA LEU A 289 3.09 -20.42 22.15
C LEU A 289 1.61 -20.13 22.12
N LYS A 290 0.81 -21.10 22.52
CA LYS A 290 -0.60 -20.79 22.48
C LYS A 290 -1.21 -19.56 23.17
N GLN A 291 -0.93 -19.45 24.45
CA GLN A 291 -1.48 -18.36 25.23
C GLN A 291 -0.75 -17.07 24.90
N ALA A 292 0.57 -17.14 24.70
CA ALA A 292 1.35 -15.98 24.38
C ALA A 292 0.72 -15.28 23.15
N VAL A 293 0.45 -16.03 22.07
CA VAL A 293 -0.16 -15.45 20.87
C VAL A 293 -1.53 -14.83 21.14
N ASP A 294 -2.31 -15.48 21.98
CA ASP A 294 -3.61 -14.90 22.25
C ASP A 294 -3.40 -13.61 23.05
N ILE A 295 -2.27 -13.58 23.77
CA ILE A 295 -1.84 -12.45 24.59
C ILE A 295 -1.37 -11.35 23.60
N ILE A 296 -0.37 -11.66 22.79
CA ILE A 296 0.10 -10.70 21.83
C ILE A 296 -1.00 -10.09 20.98
N ARG A 297 -2.00 -10.87 20.63
CA ARG A 297 -3.06 -10.32 19.82
C ARG A 297 -3.74 -8.93 19.98
N PRO A 298 -4.34 -8.62 21.12
CA PRO A 298 -5.02 -7.34 21.37
C PRO A 298 -4.02 -6.21 21.70
N LEU A 299 -2.86 -6.56 22.21
CA LEU A 299 -1.87 -5.55 22.52
C LEU A 299 -1.24 -5.02 21.24
N ARG A 300 -1.26 -5.85 20.19
CA ARG A 300 -0.71 -5.51 18.88
C ARG A 300 -1.73 -4.64 18.20
N LEU A 301 -2.99 -5.06 18.20
CA LEU A 301 -4.02 -4.24 17.54
C LEU A 301 -4.16 -2.92 18.20
N GLY A 302 -3.88 -2.92 19.50
CA GLY A 302 -3.97 -1.75 20.35
C GLY A 302 -2.73 -0.90 20.53
N MET A 303 -1.58 -1.38 20.09
CA MET A 303 -0.42 -0.55 20.26
C MET A 303 0.40 -0.52 21.53
N ALA A 304 0.16 -1.46 22.44
CA ALA A 304 0.99 -1.48 23.61
C ALA A 304 2.24 -2.04 22.87
N LEU A 305 2.05 -2.96 21.90
CA LEU A 305 3.11 -3.58 21.09
C LEU A 305 3.35 -2.65 19.90
N GLN A 306 4.56 -2.10 19.81
CA GLN A 306 4.91 -1.15 18.75
C GLN A 306 5.53 -1.55 17.40
N ASN A 307 6.74 -2.07 17.46
CA ASN A 307 7.48 -2.47 16.31
C ASN A 307 6.88 -3.82 15.88
N VAL A 308 7.73 -4.59 15.22
CA VAL A 308 7.26 -5.89 14.83
C VAL A 308 7.99 -6.73 15.90
N PRO A 309 7.32 -7.27 16.91
CA PRO A 309 7.97 -8.10 17.91
C PRO A 309 8.17 -9.49 17.31
N THR A 310 9.07 -10.29 17.85
CA THR A 310 9.24 -11.61 17.32
C THR A 310 9.23 -12.66 18.45
N ILE A 311 8.67 -13.84 18.14
CA ILE A 311 8.54 -14.98 19.02
C ILE A 311 9.50 -16.01 18.42
N ARG A 312 10.63 -16.25 19.06
CA ARG A 312 11.58 -17.21 18.55
C ARG A 312 11.52 -18.57 19.25
N HIS A 313 11.95 -19.59 18.51
CA HIS A 313 12.03 -20.97 18.95
C HIS A 313 13.44 -21.09 19.55
N ILE A 314 13.61 -21.93 20.56
CA ILE A 314 14.89 -22.05 21.22
C ILE A 314 16.12 -22.38 20.39
N LEU A 315 15.90 -23.24 19.40
CA LEU A 315 17.03 -23.60 18.55
C LEU A 315 17.64 -22.42 17.82
N LEU A 316 16.80 -21.41 17.61
CA LEU A 316 17.37 -20.28 16.92
C LEU A 316 18.35 -19.56 17.85
N ASP A 317 17.96 -19.35 19.10
CA ASP A 317 18.96 -18.68 19.90
C ASP A 317 20.11 -19.63 20.18
N ALA A 318 19.76 -20.90 20.41
CA ALA A 318 20.78 -21.90 20.70
C ALA A 318 21.77 -21.84 19.56
N ALA A 319 21.18 -21.72 18.38
CA ALA A 319 22.01 -21.66 17.20
C ALA A 319 22.87 -20.43 16.99
N VAL A 320 22.40 -19.24 17.38
CA VAL A 320 23.27 -18.09 17.19
C VAL A 320 24.41 -18.38 18.17
N LEU A 321 24.07 -19.06 19.26
CA LEU A 321 25.07 -19.42 20.27
C LEU A 321 26.12 -20.48 19.96
N GLY A 322 25.73 -21.56 19.28
CA GLY A 322 26.66 -22.62 18.91
C GLY A 322 26.08 -23.74 18.03
N ASP A 323 26.98 -24.33 17.23
CA ASP A 323 26.78 -25.44 16.27
C ASP A 323 26.06 -26.58 16.93
N LYS A 324 25.32 -27.36 16.14
CA LYS A 324 24.60 -28.47 16.73
C LYS A 324 25.55 -29.36 17.52
N ARG A 325 26.72 -29.48 16.94
CA ARG A 325 27.76 -30.30 17.50
C ARG A 325 28.20 -29.98 18.92
N SER A 326 27.99 -28.73 19.35
CA SER A 326 28.32 -28.28 20.69
C SER A 326 26.99 -28.09 21.42
N TYR A 327 26.17 -29.15 21.54
CA TYR A 327 24.85 -29.19 22.20
C TYR A 327 24.55 -30.71 22.20
N SER A 328 25.06 -31.41 21.17
CA SER A 328 24.95 -32.86 20.94
C SER A 328 25.49 -33.49 19.64
N SER A 329 26.19 -34.61 19.78
CA SER A 329 26.73 -35.38 18.63
C SER A 329 25.62 -36.39 18.32
N ARG A 330 24.74 -35.94 17.46
CA ARG A 330 23.64 -36.79 17.12
C ARG A 330 23.26 -36.23 15.78
N THR A 331 23.18 -37.18 14.87
CA THR A 331 22.83 -36.89 13.52
C THR A 331 21.35 -36.68 13.67
N GLU A 332 20.72 -37.49 14.48
CA GLU A 332 19.32 -37.23 14.62
C GLU A 332 18.83 -35.88 15.15
N PRO A 333 17.53 -35.60 15.05
CA PRO A 333 17.07 -34.33 15.57
C PRO A 333 17.04 -34.59 17.05
N LEU A 334 17.27 -33.50 17.77
CA LEU A 334 17.28 -33.43 19.21
C LEU A 334 15.80 -33.55 19.55
N SER A 335 15.59 -34.28 20.64
CA SER A 335 14.32 -34.58 21.25
C SER A 335 13.81 -33.39 22.01
N ASP A 336 12.53 -33.49 22.31
CA ASP A 336 11.86 -32.47 23.06
C ASP A 336 12.47 -32.32 24.46
N GLU A 337 13.14 -33.33 24.96
CA GLU A 337 13.75 -33.20 26.29
C GLU A 337 15.07 -32.52 26.10
N GLU A 338 15.80 -32.83 25.05
CA GLU A 338 17.06 -32.12 24.92
C GLU A 338 16.87 -30.59 24.74
N LEU A 339 15.73 -30.19 24.19
CA LEU A 339 15.48 -28.78 23.99
C LEU A 339 15.29 -28.12 25.34
N ASP A 340 14.43 -28.73 26.14
CA ASP A 340 14.20 -28.21 27.47
C ASP A 340 15.59 -28.11 28.13
N LYS A 341 16.49 -29.03 27.87
CA LYS A 341 17.78 -28.87 28.53
C LYS A 341 18.52 -27.65 28.01
N ILE A 342 18.63 -27.54 26.70
CA ILE A 342 19.35 -26.41 26.15
C ILE A 342 18.77 -25.11 26.62
N ALA A 343 17.44 -25.10 26.61
CA ALA A 343 16.71 -23.93 27.01
C ALA A 343 17.16 -23.51 28.40
N LYS A 344 17.33 -24.48 29.28
CA LYS A 344 17.75 -24.17 30.64
C LYS A 344 19.19 -23.65 30.74
N GLN A 345 20.08 -24.30 29.98
CA GLN A 345 21.48 -23.92 30.02
C GLN A 345 21.59 -22.47 29.59
N LEU A 346 20.77 -22.09 28.63
CA LEU A 346 20.80 -20.72 28.13
C LEU A 346 20.01 -19.69 28.93
N ASN A 347 19.19 -20.13 29.88
CA ASN A 347 18.40 -19.17 30.64
C ASN A 347 17.24 -18.63 29.83
N LEU A 348 16.97 -19.33 28.73
CA LEU A 348 15.89 -18.96 27.86
C LEU A 348 14.74 -19.90 28.09
N GLY A 349 13.68 -19.63 27.33
CA GLY A 349 12.43 -20.39 27.30
C GLY A 349 12.42 -21.36 26.13
N ARG A 350 11.23 -21.89 25.93
CA ARG A 350 10.89 -22.84 24.85
C ARG A 350 10.61 -22.01 23.61
N TRP A 351 10.03 -20.86 23.93
CA TRP A 351 9.64 -19.87 22.98
C TRP A 351 10.03 -18.57 23.65
N ASN A 352 10.76 -17.79 22.86
CA ASN A 352 11.25 -16.50 23.31
C ASN A 352 10.75 -15.21 22.69
N PHE A 353 10.16 -14.35 23.50
CA PHE A 353 9.65 -13.12 22.94
C PHE A 353 10.43 -11.79 23.07
N TYR A 354 10.91 -11.21 21.96
CA TYR A 354 11.63 -9.93 21.94
C TYR A 354 10.74 -8.80 21.40
N GLY A 355 10.81 -7.64 22.05
CA GLY A 355 10.02 -6.45 21.67
C GLY A 355 10.85 -5.22 22.08
N ALA A 356 10.30 -4.02 21.95
CA ALA A 356 11.03 -2.82 22.31
C ALA A 356 9.96 -1.79 22.50
N LEU A 357 10.33 -0.87 23.38
CA LEU A 357 9.48 0.23 23.72
C LEU A 357 10.05 1.50 23.06
N TYR A 358 9.16 2.42 22.70
CA TYR A 358 9.55 3.70 22.03
C TYR A 358 8.87 4.98 22.58
N GLY A 359 9.66 6.04 22.77
CA GLY A 359 9.12 7.31 23.27
C GLY A 359 9.40 7.73 24.73
N PRO A 360 8.63 8.70 25.19
CA PRO A 360 8.76 9.22 26.54
C PRO A 360 8.58 8.12 27.55
N GLU A 361 9.50 8.15 28.51
CA GLU A 361 9.53 7.19 29.59
C GLU A 361 8.15 7.14 30.22
N PRO A 362 7.54 8.30 30.35
CA PRO A 362 6.22 8.30 30.97
C PRO A 362 5.22 7.36 30.29
N ILE A 363 5.33 7.27 28.97
CA ILE A 363 4.47 6.45 28.15
C ILE A 363 5.01 5.01 28.08
N ARG A 364 6.33 4.85 27.94
CA ARG A 364 6.90 3.52 27.92
C ARG A 364 6.50 2.80 29.20
N ARG A 365 6.62 3.54 30.29
CA ARG A 365 6.27 3.16 31.64
C ARG A 365 4.90 2.51 31.59
N VAL A 366 3.89 3.26 31.14
CA VAL A 366 2.56 2.68 31.08
C VAL A 366 2.41 1.52 30.13
N LEU A 367 3.15 1.52 29.03
CA LEU A 367 3.01 0.42 28.08
C LEU A 367 3.56 -0.84 28.67
N TRP A 368 4.73 -0.70 29.28
CA TRP A 368 5.39 -1.83 29.91
C TRP A 368 4.59 -2.42 31.07
N GLU A 369 3.91 -1.56 31.82
CA GLU A 369 3.15 -2.12 32.92
C GLU A 369 2.03 -3.01 32.35
N THR A 370 1.46 -2.58 31.25
CA THR A 370 0.40 -3.36 30.63
C THR A 370 0.88 -4.71 30.02
N ILE A 371 1.99 -4.62 29.29
CA ILE A 371 2.61 -5.79 28.66
C ILE A 371 3.02 -6.76 29.77
N LYS A 372 3.86 -6.32 30.69
CA LYS A 372 4.36 -7.14 31.80
C LYS A 372 3.19 -7.85 32.52
N ASP A 373 2.08 -7.16 32.67
CA ASP A 373 0.91 -7.70 33.34
C ASP A 373 0.14 -8.77 32.57
N ALA A 374 0.04 -8.61 31.25
CA ALA A 374 -0.68 -9.59 30.45
C ALA A 374 0.01 -10.93 30.38
N PHE A 375 1.33 -10.89 30.15
CA PHE A 375 2.17 -12.07 30.04
C PHE A 375 2.33 -12.89 31.31
N SER A 376 1.88 -12.28 32.39
CA SER A 376 1.96 -12.91 33.70
C SER A 376 1.03 -14.10 33.93
N ALA A 377 0.01 -14.23 33.11
CA ALA A 377 -0.94 -15.33 33.22
C ALA A 377 -0.23 -16.62 32.79
N ILE A 378 1.00 -16.42 32.32
CA ILE A 378 1.85 -17.50 31.87
C ILE A 378 2.75 -17.82 33.03
N PRO A 379 2.80 -19.08 33.40
CA PRO A 379 3.66 -19.49 34.51
C PRO A 379 5.15 -19.50 34.18
N GLY A 380 6.00 -19.32 35.18
CA GLY A 380 7.43 -19.34 34.90
C GLY A 380 7.96 -18.27 33.96
N VAL A 381 7.08 -17.31 33.66
CA VAL A 381 7.45 -16.20 32.80
C VAL A 381 8.54 -15.32 33.40
N LYS A 382 9.44 -14.82 32.58
CA LYS A 382 10.52 -13.96 33.06
C LYS A 382 10.98 -12.84 32.13
N PHE A 383 11.00 -11.64 32.70
CA PHE A 383 11.39 -10.45 31.97
C PHE A 383 12.85 -10.00 31.98
N TYR A 384 13.46 -9.60 30.88
CA TYR A 384 14.82 -9.19 31.07
C TYR A 384 15.11 -8.00 30.17
N PHE A 385 16.18 -7.31 30.52
CA PHE A 385 16.64 -6.15 29.77
C PHE A 385 18.04 -6.63 29.53
N PRO A 386 18.56 -6.13 28.43
CA PRO A 386 19.90 -6.47 27.94
C PRO A 386 20.93 -6.57 29.05
N GLU A 387 20.77 -5.63 29.96
CA GLU A 387 21.62 -5.52 31.11
C GLU A 387 21.59 -6.83 31.89
N ASP A 388 20.36 -7.21 32.19
CA ASP A 388 20.03 -8.43 32.90
C ASP A 388 20.47 -9.67 32.12
N THR A 389 21.35 -9.60 31.12
CA THR A 389 21.70 -10.85 30.44
C THR A 389 23.15 -10.80 29.99
N PRO A 390 23.68 -11.96 29.62
CA PRO A 390 25.07 -12.11 29.18
C PRO A 390 25.53 -11.34 27.98
N GLU A 391 26.84 -11.28 27.85
CA GLU A 391 27.51 -10.54 26.79
C GLU A 391 27.28 -11.06 25.37
N ASN A 392 27.07 -12.37 25.29
CA ASN A 392 26.81 -13.00 24.01
C ASN A 392 25.32 -13.19 23.76
N SER A 393 24.47 -12.64 24.61
CA SER A 393 23.03 -12.82 24.40
C SER A 393 22.51 -12.27 23.09
N VAL A 394 21.36 -12.83 22.71
CA VAL A 394 20.57 -12.48 21.51
C VAL A 394 19.81 -11.19 21.80
N LEU A 395 19.35 -10.98 23.05
CA LEU A 395 18.61 -9.73 23.35
C LEU A 395 19.67 -8.66 23.14
N ARG A 396 20.89 -8.93 23.57
CA ARG A 396 21.90 -7.92 23.37
C ARG A 396 22.04 -7.49 21.92
N VAL A 397 22.00 -8.47 21.01
CA VAL A 397 22.10 -8.17 19.57
C VAL A 397 20.83 -7.51 19.07
N ARG A 398 19.71 -8.17 19.29
CA ARG A 398 18.43 -7.63 18.86
C ARG A 398 18.17 -6.24 19.43
N ASP A 399 18.96 -5.88 20.45
CA ASP A 399 18.83 -4.58 21.09
C ASP A 399 19.14 -3.54 20.04
N LYS A 400 20.27 -3.72 19.36
CA LYS A 400 20.68 -2.82 18.32
C LYS A 400 19.65 -2.95 17.21
N THR A 401 19.34 -4.20 16.90
CA THR A 401 18.40 -4.47 15.85
C THR A 401 17.07 -3.71 15.95
N MET A 402 16.46 -3.67 17.13
CA MET A 402 15.19 -2.96 17.27
C MET A 402 15.18 -1.42 17.26
N GLN A 403 16.38 -0.88 17.17
CA GLN A 403 16.66 0.54 17.09
C GLN A 403 17.29 0.87 15.71
N GLY A 404 17.20 0.01 14.70
CA GLY A 404 17.80 0.36 13.42
C GLY A 404 19.31 0.16 13.30
N ILE A 405 19.96 -0.40 14.33
CA ILE A 405 21.40 -0.63 14.21
C ILE A 405 21.68 -2.05 13.70
N PRO A 406 22.41 -2.12 12.59
CA PRO A 406 22.87 -3.30 11.83
C PRO A 406 23.88 -4.27 12.44
N THR A 407 23.71 -5.60 12.32
CA THR A 407 24.66 -6.57 12.88
C THR A 407 24.86 -7.75 11.93
N TYR A 408 25.45 -8.86 12.42
CA TYR A 408 25.70 -10.03 11.58
C TYR A 408 25.93 -11.25 12.45
N ASP A 409 25.65 -11.03 13.72
CA ASP A 409 25.81 -12.10 14.68
C ASP A 409 24.81 -13.19 14.34
N GLU A 410 23.61 -12.81 13.91
CA GLU A 410 22.61 -13.81 13.57
C GLU A 410 22.97 -14.83 12.51
N LEU A 411 24.03 -14.52 11.80
CA LEU A 411 24.43 -15.45 10.77
C LEU A 411 24.89 -16.79 11.30
N LYS A 412 25.51 -16.77 12.46
CA LYS A 412 26.01 -17.99 13.02
C LYS A 412 24.87 -18.98 13.08
N TRP A 413 23.62 -18.54 13.07
CA TRP A 413 22.68 -19.63 13.13
C TRP A 413 22.66 -20.55 11.91
N ILE A 414 23.07 -20.01 10.78
CA ILE A 414 23.11 -20.75 9.55
C ILE A 414 24.07 -21.89 9.82
N ASP A 415 24.93 -21.66 10.79
CA ASP A 415 25.90 -22.68 11.18
C ASP A 415 25.58 -23.96 11.93
N TRP A 416 24.30 -24.21 12.21
CA TRP A 416 23.93 -25.40 12.93
C TRP A 416 24.61 -26.67 12.41
N LEU A 417 24.57 -26.89 11.08
CA LEU A 417 25.18 -28.01 10.38
C LEU A 417 26.51 -27.74 9.67
N PRO A 418 27.33 -28.77 9.46
CA PRO A 418 28.63 -28.65 8.82
C PRO A 418 28.71 -27.76 7.60
N ASN A 419 27.85 -27.90 6.62
CA ASN A 419 28.10 -26.89 5.60
C ASN A 419 26.64 -26.55 5.61
N GLY A 420 26.34 -25.64 6.52
CA GLY A 420 24.97 -25.21 6.71
C GLY A 420 24.52 -24.26 5.61
N ALA A 421 23.26 -24.40 5.24
CA ALA A 421 22.79 -23.51 4.21
C ALA A 421 21.38 -23.41 4.70
N HIS A 422 20.82 -22.22 4.48
CA HIS A 422 19.46 -22.02 4.91
C HIS A 422 18.50 -22.00 3.74
N LEU A 423 17.26 -22.37 4.02
CA LEU A 423 16.20 -22.37 3.02
C LEU A 423 15.03 -22.04 3.88
N PHE A 424 14.29 -21.01 3.49
CA PHE A 424 13.10 -20.53 4.21
C PHE A 424 11.69 -20.98 3.80
N PHE A 425 10.91 -21.60 4.69
CA PHE A 425 9.52 -21.99 4.36
C PHE A 425 8.79 -20.79 5.00
N SER A 426 8.05 -20.00 4.22
CA SER A 426 7.46 -18.82 4.84
C SER A 426 5.99 -18.53 4.77
N PRO A 427 5.28 -19.47 5.33
CA PRO A 427 3.82 -19.44 5.45
C PRO A 427 3.46 -18.26 6.36
N ILE A 428 2.17 -17.91 6.44
CA ILE A 428 1.62 -16.80 7.24
C ILE A 428 0.49 -17.47 8.00
N ALA A 429 0.30 -17.06 9.25
CA ALA A 429 -0.70 -17.57 10.17
C ALA A 429 -1.42 -16.45 10.88
N LYS A 430 -2.63 -16.76 11.32
CA LYS A 430 -3.38 -15.74 12.02
C LYS A 430 -2.72 -15.43 13.36
N VAL A 431 -3.18 -14.36 14.02
CA VAL A 431 -2.56 -14.09 15.32
C VAL A 431 -3.61 -14.70 16.24
N SER A 432 -3.55 -16.04 16.36
CA SER A 432 -4.42 -16.91 17.16
C SER A 432 -3.50 -18.04 17.63
N GLY A 433 -3.58 -18.33 18.95
CA GLY A 433 -2.75 -19.36 19.57
C GLY A 433 -3.07 -20.66 18.86
N GLU A 434 -4.37 -20.82 18.65
CA GLU A 434 -4.89 -21.99 18.00
C GLU A 434 -4.33 -22.29 16.60
N ASP A 435 -4.35 -21.26 15.75
CA ASP A 435 -3.89 -21.34 14.38
C ASP A 435 -2.36 -21.47 14.37
N ALA A 436 -1.74 -20.69 15.22
CA ALA A 436 -0.31 -20.77 15.24
C ALA A 436 0.17 -22.14 15.71
N MET A 437 -0.60 -22.72 16.62
CA MET A 437 -0.22 -24.02 17.20
C MET A 437 -0.38 -25.06 16.11
N MET A 438 -1.50 -24.92 15.39
CA MET A 438 -1.80 -25.85 14.31
C MET A 438 -0.69 -25.84 13.28
N GLN A 439 -0.28 -24.65 12.85
CA GLN A 439 0.74 -24.53 11.85
C GLN A 439 2.10 -25.08 12.32
N TYR A 440 2.48 -24.72 13.53
CA TYR A 440 3.72 -25.19 14.09
C TYR A 440 3.70 -26.74 14.06
N ALA A 441 2.55 -27.33 14.32
CA ALA A 441 2.41 -28.80 14.34
C ALA A 441 2.71 -29.54 13.04
N VAL A 442 1.99 -29.06 12.05
CA VAL A 442 2.05 -29.54 10.70
C VAL A 442 3.51 -29.49 10.26
N THR A 443 4.13 -28.35 10.47
CA THR A 443 5.52 -28.16 10.08
C THR A 443 6.58 -28.88 10.84
N LYS A 444 6.25 -29.02 12.11
CA LYS A 444 7.19 -29.63 13.01
C LYS A 444 7.26 -31.10 12.68
N LYS A 445 6.07 -31.66 12.53
CA LYS A 445 5.95 -33.08 12.20
C LYS A 445 6.78 -33.32 10.97
N ARG A 446 6.50 -32.61 9.87
CA ARG A 446 7.26 -32.87 8.68
C ARG A 446 8.77 -32.73 8.80
N CYS A 447 9.21 -31.77 9.60
CA CYS A 447 10.66 -31.59 9.77
C CYS A 447 11.17 -32.86 10.39
N GLN A 448 10.28 -33.43 11.15
CA GLN A 448 10.72 -34.66 11.75
C GLN A 448 10.91 -35.81 10.78
N GLU A 449 9.86 -36.09 10.01
CA GLU A 449 9.97 -37.17 9.04
C GLU A 449 11.19 -36.94 8.16
N ALA A 450 11.62 -35.71 7.95
CA ALA A 450 12.80 -35.46 7.10
C ALA A 450 14.08 -35.57 7.88
N GLY A 451 13.92 -35.83 9.16
CA GLY A 451 15.14 -35.95 9.94
C GLY A 451 15.77 -34.59 10.20
N LEU A 452 14.96 -33.58 10.45
CA LEU A 452 15.58 -32.29 10.69
C LEU A 452 15.08 -31.53 11.87
N ASP A 453 16.00 -30.78 12.44
CA ASP A 453 15.54 -30.01 13.57
C ASP A 453 14.67 -28.91 12.98
N PHE A 454 13.54 -28.69 13.63
CA PHE A 454 12.63 -27.64 13.25
C PHE A 454 13.29 -26.45 13.96
N ILE A 455 13.36 -25.28 13.31
CA ILE A 455 13.96 -24.06 13.88
C ILE A 455 13.13 -22.96 13.26
N GLY A 456 12.67 -22.00 14.03
CA GLY A 456 11.85 -20.98 13.41
C GLY A 456 11.48 -19.83 14.33
N THR A 457 10.71 -18.88 13.77
CA THR A 457 10.23 -17.70 14.48
C THR A 457 9.05 -17.11 13.78
N PHE A 458 8.12 -16.61 14.57
CA PHE A 458 6.98 -15.96 13.97
C PHE A 458 7.18 -14.44 14.13
N THR A 459 7.11 -13.62 13.07
CA THR A 459 7.25 -12.19 13.26
C THR A 459 5.79 -11.64 13.31
N VAL A 460 5.57 -10.86 14.36
CA VAL A 460 4.24 -10.28 14.61
C VAL A 460 3.77 -9.03 13.83
N GLY A 461 2.89 -9.31 12.87
CA GLY A 461 2.33 -8.27 12.04
C GLY A 461 1.20 -7.84 12.90
N MET A 462 0.45 -6.85 12.46
CA MET A 462 -0.66 -6.34 13.24
C MET A 462 -1.86 -7.24 13.23
N ARG A 463 -2.06 -8.07 12.20
CA ARG A 463 -3.30 -8.86 12.24
C ARG A 463 -3.06 -10.16 11.48
N GLU A 464 -1.79 -10.50 11.45
CA GLU A 464 -1.19 -11.60 10.74
C GLU A 464 0.20 -11.83 11.33
N MET A 465 0.79 -12.99 11.04
CA MET A 465 2.14 -13.28 11.53
C MET A 465 2.92 -13.97 10.42
N HIS A 466 4.21 -13.69 10.35
CA HIS A 466 5.06 -14.30 9.35
C HIS A 466 5.77 -15.44 10.00
N HIS A 467 5.40 -16.65 9.62
CA HIS A 467 6.09 -17.76 10.20
C HIS A 467 7.34 -18.14 9.44
N ILE A 468 8.51 -17.68 9.86
CA ILE A 468 9.73 -18.08 9.13
C ILE A 468 10.39 -19.37 9.52
N VAL A 469 9.98 -20.50 8.93
CA VAL A 469 10.64 -21.76 9.30
C VAL A 469 12.10 -21.87 8.82
N CYS A 470 13.13 -21.81 9.67
CA CYS A 470 14.49 -21.91 9.15
C CYS A 470 15.13 -23.29 8.87
N ILE A 471 14.98 -23.76 7.64
CA ILE A 471 15.54 -25.04 7.24
C ILE A 471 17.07 -25.01 7.10
N VAL A 472 17.83 -25.61 8.02
CA VAL A 472 19.26 -25.53 7.79
C VAL A 472 19.73 -26.88 7.30
N PHE A 473 20.68 -26.96 6.40
CA PHE A 473 21.10 -28.25 5.92
C PHE A 473 22.50 -28.12 5.41
N ASN A 474 23.04 -29.30 5.21
CA ASN A 474 24.38 -29.44 4.73
C ASN A 474 24.31 -29.44 3.19
N LYS A 475 24.73 -28.34 2.55
CA LYS A 475 24.72 -28.18 1.09
C LYS A 475 25.56 -29.21 0.35
N LYS A 476 26.38 -29.91 1.13
CA LYS A 476 27.25 -30.97 0.60
C LYS A 476 26.79 -32.44 0.71
N ASP A 477 25.58 -32.63 1.25
CA ASP A 477 24.89 -33.93 1.45
C ASP A 477 23.71 -34.17 0.51
N LEU A 478 23.94 -34.98 -0.52
CA LEU A 478 22.91 -35.28 -1.49
C LEU A 478 21.66 -35.87 -0.90
N ILE A 479 21.82 -36.82 0.00
CA ILE A 479 20.64 -37.42 0.58
C ILE A 479 19.77 -36.42 1.29
N GLN A 480 20.49 -35.57 1.99
CA GLN A 480 19.80 -34.56 2.77
C GLN A 480 19.17 -33.52 1.91
N LYS A 481 19.99 -33.01 1.01
CA LYS A 481 19.53 -31.95 0.12
C LYS A 481 18.22 -32.44 -0.48
N ARG A 482 18.18 -33.75 -0.79
CA ARG A 482 16.96 -34.35 -1.33
C ARG A 482 15.79 -34.36 -0.35
N LYS A 483 16.09 -34.59 0.93
CA LYS A 483 15.02 -34.61 1.93
C LYS A 483 14.52 -33.21 2.02
N VAL A 484 15.42 -32.26 1.84
CA VAL A 484 14.93 -30.87 1.92
C VAL A 484 13.89 -30.48 0.88
N GLN A 485 14.10 -30.94 -0.37
CA GLN A 485 13.17 -30.65 -1.48
C GLN A 485 11.91 -31.42 -1.15
N TRP A 486 12.02 -32.58 -0.52
CA TRP A 486 10.78 -33.27 -0.22
C TRP A 486 10.06 -32.54 0.85
N LEU A 487 10.77 -32.08 1.86
CA LEU A 487 10.13 -31.35 2.95
C LEU A 487 9.38 -30.15 2.45
N MET A 488 10.12 -29.34 1.72
CA MET A 488 9.50 -28.15 1.19
C MET A 488 8.20 -28.32 0.44
N ARG A 489 8.28 -29.12 -0.62
CA ARG A 489 7.07 -29.28 -1.43
C ARG A 489 5.93 -29.84 -0.67
N THR A 490 6.29 -30.63 0.35
CA THR A 490 5.27 -31.26 1.18
C THR A 490 4.66 -30.22 2.11
N LEU A 491 5.54 -29.47 2.77
CA LEU A 491 5.04 -28.43 3.70
C LEU A 491 4.10 -27.50 2.96
N ILE A 492 4.56 -27.15 1.74
CA ILE A 492 3.80 -26.27 0.85
C ILE A 492 2.39 -26.83 0.67
N ASP A 493 2.26 -28.10 0.27
CA ASP A 493 0.92 -28.67 0.08
C ASP A 493 0.14 -28.76 1.39
N ASP A 494 0.78 -29.26 2.45
CA ASP A 494 0.07 -29.35 3.74
C ASP A 494 -0.46 -27.99 4.19
N CYS A 495 0.37 -26.95 4.21
CA CYS A 495 -0.23 -25.68 4.68
C CYS A 495 -1.37 -25.15 3.89
N ALA A 496 -1.27 -25.31 2.57
CA ALA A 496 -2.36 -24.80 1.71
C ALA A 496 -3.62 -25.54 2.03
N ALA A 497 -3.46 -26.83 2.32
CA ALA A 497 -4.58 -27.70 2.67
C ALA A 497 -5.23 -27.19 3.95
N ASN A 498 -4.44 -26.44 4.70
CA ASN A 498 -4.90 -25.85 5.94
C ASN A 498 -5.33 -24.42 5.80
N GLY A 499 -5.41 -23.90 4.56
CA GLY A 499 -5.82 -22.50 4.37
C GLY A 499 -4.66 -21.50 4.55
N TRP A 500 -3.39 -21.88 4.41
CA TRP A 500 -2.32 -20.93 4.60
C TRP A 500 -1.37 -21.02 3.39
N GLY A 501 -0.85 -19.86 2.95
CA GLY A 501 0.05 -19.82 1.81
C GLY A 501 1.26 -18.99 2.21
N GLU A 502 2.39 -19.20 1.51
CA GLU A 502 3.63 -18.50 1.73
C GLU A 502 3.63 -17.05 1.16
N TYR A 503 4.43 -16.18 1.81
CA TYR A 503 4.54 -14.76 1.43
C TYR A 503 5.74 -14.48 0.49
N ARG A 504 6.79 -15.28 0.50
CA ARG A 504 7.96 -15.06 -0.35
C ARG A 504 8.62 -16.43 -0.51
N THR A 505 9.44 -16.73 -1.53
CA THR A 505 9.99 -18.10 -1.57
C THR A 505 11.28 -18.18 -2.40
N HIS A 506 11.86 -19.39 -2.46
CA HIS A 506 13.06 -19.64 -3.23
C HIS A 506 12.83 -19.88 -4.74
N LEU A 507 13.87 -19.69 -5.57
CA LEU A 507 13.78 -19.90 -7.03
C LEU A 507 13.10 -21.22 -7.41
N ALA A 508 13.41 -22.25 -6.65
CA ALA A 508 12.80 -23.53 -6.91
C ALA A 508 11.38 -23.78 -6.46
N PHE A 509 10.70 -22.87 -5.77
CA PHE A 509 9.33 -23.28 -5.38
C PHE A 509 8.22 -22.35 -5.76
N MET A 510 8.67 -21.35 -6.52
CA MET A 510 7.84 -20.27 -7.06
C MET A 510 6.63 -20.77 -7.81
N ASP A 511 6.86 -21.72 -8.73
CA ASP A 511 5.75 -22.29 -9.53
C ASP A 511 4.79 -22.97 -8.61
N GLN A 512 5.37 -23.82 -7.76
CA GLN A 512 4.57 -24.58 -6.80
C GLN A 512 3.76 -23.63 -5.95
N ILE A 513 4.47 -22.69 -5.35
CA ILE A 513 3.71 -21.75 -4.53
C ILE A 513 2.67 -20.98 -5.35
N MET A 514 3.03 -20.48 -6.55
CA MET A 514 1.98 -19.77 -7.25
C MET A 514 0.77 -20.65 -7.59
N GLU A 515 1.03 -21.94 -7.82
CA GLU A 515 -0.08 -22.83 -8.14
C GLU A 515 -1.08 -22.96 -7.02
N THR A 516 -0.61 -22.56 -5.84
CA THR A 516 -1.39 -22.59 -4.61
C THR A 516 -2.43 -21.55 -4.52
N TYR A 517 -2.04 -20.43 -5.11
CA TYR A 517 -2.89 -19.24 -5.15
C TYR A 517 -3.92 -19.32 -6.25
N ASN A 518 -4.53 -20.49 -6.38
CA ASN A 518 -5.52 -20.73 -7.41
C ASN A 518 -6.98 -20.46 -7.40
N TRP A 519 -7.47 -19.64 -6.49
CA TRP A 519 -8.91 -19.43 -6.47
C TRP A 519 -9.45 -19.13 -7.87
N ASN A 520 -10.57 -19.76 -8.18
CA ASN A 520 -11.24 -19.60 -9.46
C ASN A 520 -10.34 -19.75 -10.67
N ASN A 521 -10.11 -21.03 -10.85
CA ASN A 521 -9.33 -21.49 -11.96
C ASN A 521 -8.05 -20.78 -12.31
N SER A 522 -7.35 -20.25 -11.29
CA SER A 522 -6.06 -19.55 -11.46
C SER A 522 -6.18 -18.13 -11.99
N SER A 523 -7.34 -17.54 -11.73
CA SER A 523 -7.62 -16.18 -12.16
C SER A 523 -6.46 -15.20 -11.92
N PHE A 524 -5.78 -15.40 -10.80
CA PHE A 524 -4.65 -14.57 -10.43
C PHE A 524 -3.42 -14.73 -11.31
N LEU A 525 -2.93 -15.94 -11.58
CA LEU A 525 -1.74 -16.04 -12.44
C LEU A 525 -2.09 -15.56 -13.84
N ARG A 526 -3.31 -15.89 -14.26
CA ARG A 526 -3.73 -15.45 -15.57
C ARG A 526 -3.78 -13.95 -15.75
N PHE A 527 -4.29 -13.23 -14.76
CA PHE A 527 -4.37 -11.77 -14.87
C PHE A 527 -2.93 -11.30 -14.96
N ASN A 528 -2.12 -11.91 -14.09
CA ASN A 528 -0.72 -11.53 -14.11
C ASN A 528 0.00 -11.74 -15.40
N GLU A 529 -0.27 -12.88 -16.03
CA GLU A 529 0.37 -13.20 -17.28
C GLU A 529 0.08 -12.19 -18.39
N VAL A 530 -1.19 -11.81 -18.47
CA VAL A 530 -1.71 -10.83 -19.41
C VAL A 530 -0.97 -9.49 -19.27
N LEU A 531 -0.72 -9.04 -18.04
CA LEU A 531 -0.02 -7.77 -17.80
C LEU A 531 1.45 -7.86 -18.16
N LYS A 532 2.09 -8.98 -17.87
CA LYS A 532 3.50 -9.10 -18.21
C LYS A 532 3.78 -9.16 -19.72
N ASN A 533 2.92 -9.84 -20.47
CA ASN A 533 3.20 -9.91 -21.89
C ASN A 533 3.08 -8.62 -22.64
N ALA A 534 2.19 -7.78 -22.10
CA ALA A 534 1.89 -6.44 -22.62
C ALA A 534 3.12 -5.56 -22.52
N VAL A 535 3.71 -5.59 -21.32
CA VAL A 535 4.88 -4.80 -21.05
C VAL A 535 6.14 -5.53 -21.38
N ASP A 536 6.06 -6.85 -21.63
CA ASP A 536 7.31 -7.56 -21.92
C ASP A 536 7.15 -8.68 -22.92
N PRO A 537 6.63 -8.16 -24.00
CA PRO A 537 6.32 -8.74 -25.28
C PRO A 537 7.53 -9.62 -25.64
N ASN A 538 8.78 -9.21 -25.39
CA ASN A 538 9.88 -10.14 -25.69
C ASN A 538 10.32 -11.02 -24.55
N GLY A 539 9.67 -10.96 -23.38
CA GLY A 539 10.02 -11.75 -22.18
C GLY A 539 11.44 -11.52 -21.74
N ILE A 540 11.95 -10.30 -21.73
CA ILE A 540 13.35 -10.23 -21.34
C ILE A 540 13.74 -10.03 -19.91
N ILE A 541 12.75 -9.60 -19.15
CA ILE A 541 13.06 -9.32 -17.77
C ILE A 541 12.63 -10.39 -16.84
N ALA A 542 13.58 -11.02 -16.18
CA ALA A 542 13.24 -12.07 -15.22
C ALA A 542 12.09 -13.05 -15.50
N PRO A 543 12.14 -13.84 -16.55
CA PRO A 543 11.04 -14.77 -16.79
C PRO A 543 10.98 -15.85 -15.69
N GLY A 544 9.76 -16.19 -15.29
CA GLY A 544 9.63 -17.19 -14.25
C GLY A 544 9.55 -16.71 -12.79
N LYS A 545 9.97 -15.50 -12.52
CA LYS A 545 9.95 -14.93 -11.21
C LYS A 545 8.52 -15.03 -10.76
N SER A 546 8.36 -15.43 -9.49
CA SER A 546 7.06 -15.60 -8.80
C SER A 546 6.15 -16.50 -9.61
N GLY A 547 6.79 -17.25 -10.51
CA GLY A 547 6.05 -18.16 -11.37
C GLY A 547 5.36 -17.40 -12.49
N VAL A 548 5.82 -16.20 -12.79
CA VAL A 548 5.13 -15.52 -13.86
C VAL A 548 5.97 -15.69 -15.13
N TRP A 549 5.41 -16.41 -16.10
CA TRP A 549 6.13 -16.65 -17.35
C TRP A 549 5.78 -15.87 -18.63
N PRO A 550 6.77 -15.31 -19.32
CA PRO A 550 6.44 -14.62 -20.57
C PRO A 550 5.87 -15.75 -21.47
N SER A 551 5.06 -15.42 -22.48
CA SER A 551 4.49 -16.43 -23.36
C SER A 551 5.51 -17.17 -24.20
N GLN A 552 6.66 -16.55 -24.35
CA GLN A 552 7.77 -17.14 -25.10
C GLN A 552 8.31 -18.36 -24.33
N TYR A 553 7.99 -18.42 -23.04
CA TYR A 553 8.35 -19.49 -22.10
C TYR A 553 7.21 -20.47 -21.81
N SER A 554 7.47 -21.71 -22.23
CA SER A 554 6.58 -22.85 -22.11
C SER A 554 6.40 -23.41 -20.69
N HIS A 555 5.15 -23.46 -20.22
CA HIS A 555 4.94 -23.96 -18.88
C HIS A 555 5.48 -25.38 -18.73
N VAL A 556 5.38 -26.12 -19.83
CA VAL A 556 5.86 -27.51 -19.89
C VAL A 556 7.36 -27.59 -19.76
N THR A 557 8.02 -26.63 -20.39
CA THR A 557 9.47 -26.65 -20.32
C THR A 557 9.94 -25.95 -19.08
N TRP A 558 9.20 -24.92 -18.70
CA TRP A 558 9.65 -24.16 -17.55
C TRP A 558 9.32 -24.40 -16.09
N LYS A 559 8.09 -24.71 -15.77
CA LYS A 559 7.79 -24.92 -14.38
C LYS A 559 8.58 -25.98 -13.64
N LEU A 560 8.38 -26.06 -12.32
CA LEU A 560 9.00 -27.00 -11.38
C LEU A 560 8.02 -26.77 -10.24
N GLU B 6 -36.71 -0.42 -22.90
CA GLU B 6 -37.10 0.93 -23.29
C GLU B 6 -36.46 1.41 -24.61
N PHE B 7 -37.36 2.09 -25.32
CA PHE B 7 -37.20 2.77 -26.62
C PHE B 7 -36.15 3.80 -27.19
N ARG B 8 -36.01 5.04 -26.69
CA ARG B 8 -35.06 5.94 -27.36
C ARG B 8 -34.42 6.98 -26.42
N PRO B 9 -33.16 6.73 -26.02
CA PRO B 9 -32.43 7.61 -25.13
C PRO B 9 -32.21 9.02 -25.63
N LEU B 10 -31.69 9.90 -24.77
CA LEU B 10 -31.40 11.25 -25.23
C LEU B 10 -30.00 11.09 -25.80
N THR B 11 -29.18 10.22 -25.22
CA THR B 11 -27.81 10.06 -25.71
C THR B 11 -27.33 8.62 -25.69
N LEU B 12 -26.80 8.28 -26.87
CA LEU B 12 -26.18 7.02 -27.26
C LEU B 12 -24.68 7.09 -27.24
N PRO B 13 -24.12 6.03 -26.68
CA PRO B 13 -22.69 5.80 -26.53
C PRO B 13 -22.05 5.84 -27.91
N PRO B 14 -20.73 5.85 -28.00
CA PRO B 14 -20.16 5.88 -29.32
C PRO B 14 -20.43 4.71 -30.27
N LYS B 15 -20.71 5.10 -31.51
CA LYS B 15 -20.97 4.21 -32.64
C LYS B 15 -22.12 3.22 -32.47
N LEU B 16 -22.97 3.39 -31.47
CA LEU B 16 -24.03 2.39 -31.33
C LEU B 16 -25.33 2.79 -32.02
N SER B 17 -25.89 1.94 -32.87
CA SER B 17 -27.14 2.34 -33.49
C SER B 17 -28.30 2.25 -32.51
N LEU B 18 -29.38 2.90 -32.91
CA LEU B 18 -30.54 2.88 -32.05
C LEU B 18 -31.07 1.48 -31.84
N SER B 19 -31.10 0.69 -32.91
CA SER B 19 -31.58 -0.69 -32.82
C SER B 19 -30.63 -1.41 -31.88
N ASP B 20 -29.34 -1.18 -32.05
CA ASP B 20 -28.45 -1.87 -31.12
C ASP B 20 -28.69 -1.49 -29.69
N PHE B 21 -28.99 -0.22 -29.45
CA PHE B 21 -29.25 0.19 -28.09
C PHE B 21 -30.43 -0.66 -27.63
N ASN B 22 -31.49 -0.61 -28.44
CA ASN B 22 -32.67 -1.38 -28.11
C ASN B 22 -32.48 -2.88 -28.00
N GLU B 23 -31.53 -3.45 -28.70
CA GLU B 23 -31.42 -4.90 -28.56
C GLU B 23 -30.79 -5.21 -27.20
N PHE B 24 -29.65 -4.59 -26.99
CA PHE B 24 -28.86 -4.71 -25.78
C PHE B 24 -29.83 -4.46 -24.64
N ILE B 25 -30.49 -3.32 -24.75
CA ILE B 25 -31.41 -2.96 -23.70
C ILE B 25 -32.41 -4.05 -23.28
N GLN B 26 -32.94 -4.74 -24.28
CA GLN B 26 -33.90 -5.83 -24.05
C GLN B 26 -33.38 -7.11 -23.41
N ASP B 27 -32.17 -7.46 -23.81
CA ASP B 27 -31.44 -8.63 -23.33
C ASP B 27 -31.29 -8.39 -21.84
N ILE B 28 -30.91 -7.15 -21.55
CA ILE B 28 -30.73 -6.77 -20.16
C ILE B 28 -31.96 -6.76 -19.29
N ILE B 29 -33.11 -6.36 -19.85
CA ILE B 29 -34.32 -6.34 -19.03
C ILE B 29 -34.52 -7.81 -18.67
N ARG B 30 -34.29 -8.68 -19.66
CA ARG B 30 -34.44 -10.10 -19.49
C ARG B 30 -33.45 -10.55 -18.39
N ILE B 31 -32.24 -10.01 -18.32
CA ILE B 31 -31.37 -10.46 -17.24
C ILE B 31 -31.77 -9.92 -15.86
N VAL B 32 -31.76 -8.59 -15.70
CA VAL B 32 -32.09 -7.96 -14.40
C VAL B 32 -33.50 -7.58 -13.94
N GLY B 33 -34.48 -7.60 -14.82
CA GLY B 33 -35.85 -7.22 -14.47
C GLY B 33 -36.13 -5.80 -14.93
N SER B 34 -37.36 -5.54 -15.38
CA SER B 34 -37.67 -4.18 -15.86
C SER B 34 -37.34 -3.11 -14.83
N GLU B 35 -37.44 -3.60 -13.61
CA GLU B 35 -37.22 -2.86 -12.41
C GLU B 35 -35.80 -2.45 -12.12
N ASN B 36 -34.91 -3.16 -12.79
CA ASN B 36 -33.52 -2.88 -12.63
C ASN B 36 -32.94 -2.02 -13.71
N VAL B 37 -33.84 -1.43 -14.49
CA VAL B 37 -33.34 -0.59 -15.57
C VAL B 37 -34.26 0.55 -15.93
N GLU B 38 -33.62 1.67 -16.24
CA GLU B 38 -34.25 2.92 -16.63
C GLU B 38 -33.40 3.63 -17.68
N VAL B 39 -34.00 3.67 -18.85
CA VAL B 39 -33.46 4.28 -20.04
C VAL B 39 -33.82 5.72 -19.86
N ILE B 40 -32.98 6.61 -20.38
CA ILE B 40 -33.26 8.03 -20.26
C ILE B 40 -33.61 8.73 -21.57
N SER B 41 -34.92 8.86 -21.82
CA SER B 41 -35.51 9.49 -23.02
C SER B 41 -35.68 11.01 -23.01
N VAL B 47 -33.73 16.18 -14.02
CA VAL B 47 -33.06 17.05 -13.03
C VAL B 47 -32.38 16.45 -11.78
N ASP B 48 -31.32 17.13 -11.32
CA ASP B 48 -30.44 16.83 -10.18
C ASP B 48 -31.26 16.36 -9.01
N GLY B 49 -30.66 15.83 -7.95
CA GLY B 49 -31.64 15.47 -6.94
C GLY B 49 -31.31 15.75 -5.49
N SER B 50 -30.81 14.76 -4.76
CA SER B 50 -30.49 14.99 -3.35
C SER B 50 -29.34 14.16 -2.81
N TYR B 51 -28.62 14.75 -1.86
CA TYR B 51 -27.52 14.03 -1.27
C TYR B 51 -28.23 12.86 -0.60
N MET B 52 -29.46 13.16 -0.22
CA MET B 52 -30.35 12.24 0.44
C MET B 52 -30.95 11.27 -0.60
N LYS B 53 -31.31 11.74 -1.79
CA LYS B 53 -31.81 10.82 -2.82
C LYS B 53 -31.06 11.20 -4.05
N PRO B 54 -29.83 10.73 -4.07
CA PRO B 54 -28.89 11.00 -5.15
C PRO B 54 -29.31 10.53 -6.55
N THR B 55 -28.92 11.31 -7.58
CA THR B 55 -29.21 11.04 -9.00
C THR B 55 -28.12 10.17 -9.61
N HIS B 56 -28.55 9.21 -10.45
CA HIS B 56 -27.58 8.34 -11.08
C HIS B 56 -27.20 8.72 -12.50
N THR B 57 -28.05 9.50 -13.12
CA THR B 57 -27.86 9.97 -14.50
C THR B 57 -26.82 11.02 -14.86
N HIS B 58 -26.44 11.85 -13.90
CA HIS B 58 -25.51 12.91 -14.24
C HIS B 58 -25.07 13.55 -12.93
N ASP B 59 -24.27 14.59 -13.13
CA ASP B 59 -23.67 15.48 -12.12
C ASP B 59 -24.75 16.47 -11.64
N PRO B 60 -25.08 16.40 -10.35
CA PRO B 60 -26.09 17.29 -9.75
C PRO B 60 -25.58 18.68 -9.43
N HIS B 61 -24.29 18.70 -9.09
CA HIS B 61 -23.42 19.82 -8.73
C HIS B 61 -22.73 20.17 -10.01
N HIS B 62 -23.46 20.05 -11.10
CA HIS B 62 -22.81 20.38 -12.34
C HIS B 62 -22.18 21.73 -12.75
N VAL B 63 -20.87 21.72 -13.06
CA VAL B 63 -20.01 22.83 -13.54
C VAL B 63 -20.21 23.14 -15.04
N MET B 64 -20.27 22.06 -15.80
CA MET B 64 -20.49 22.12 -17.24
C MET B 64 -22.00 22.21 -17.26
N ASP B 65 -22.53 21.98 -18.45
CA ASP B 65 -23.97 22.02 -18.71
C ASP B 65 -24.54 20.80 -17.98
N GLN B 66 -25.77 20.90 -17.48
CA GLN B 66 -26.43 19.82 -16.75
C GLN B 66 -26.35 18.41 -17.37
N ASP B 67 -26.78 18.26 -18.62
CA ASP B 67 -26.75 16.97 -19.31
C ASP B 67 -25.40 16.78 -20.05
N TYR B 68 -24.40 17.57 -19.70
CA TYR B 68 -23.11 17.47 -20.34
C TYR B 68 -22.60 16.07 -20.23
N PHE B 69 -22.54 15.55 -19.00
CA PHE B 69 -22.06 14.19 -18.84
C PHE B 69 -23.37 13.43 -18.52
N LEU B 70 -23.81 12.52 -19.38
CA LEU B 70 -25.09 11.83 -19.11
C LEU B 70 -25.26 10.40 -19.59
N ALA B 71 -25.89 9.61 -18.76
CA ALA B 71 -26.13 8.21 -19.05
C ALA B 71 -27.17 7.90 -20.14
N SER B 72 -27.04 6.74 -20.79
CA SER B 72 -28.08 6.47 -21.78
C SER B 72 -29.16 5.73 -21.00
N ALA B 73 -28.74 4.89 -20.05
CA ALA B 73 -29.68 4.11 -19.25
C ALA B 73 -29.11 3.71 -17.91
N ILE B 74 -29.98 3.54 -16.93
CA ILE B 74 -29.46 3.15 -15.64
C ILE B 74 -29.71 1.67 -15.39
N VAL B 75 -28.68 0.90 -15.01
CA VAL B 75 -28.91 -0.53 -14.76
C VAL B 75 -28.39 -1.13 -13.45
N ALA B 76 -29.35 -1.67 -12.71
CA ALA B 76 -29.11 -2.29 -11.43
C ALA B 76 -29.01 -3.81 -11.31
N PRO B 77 -27.76 -4.29 -11.37
CA PRO B 77 -27.43 -5.71 -11.27
C PRO B 77 -27.99 -6.22 -9.95
N ARG B 78 -28.64 -7.38 -9.99
CA ARG B 78 -29.19 -7.91 -8.75
C ARG B 78 -28.11 -8.64 -7.99
N ASN B 79 -27.03 -9.06 -8.66
CA ASN B 79 -26.01 -9.82 -7.94
C ASN B 79 -24.73 -9.94 -8.73
N VAL B 80 -23.64 -10.53 -8.26
CA VAL B 80 -22.47 -10.59 -9.17
C VAL B 80 -22.71 -11.25 -10.52
N ALA B 81 -23.59 -12.23 -10.63
CA ALA B 81 -23.75 -12.84 -11.95
C ALA B 81 -24.19 -11.88 -13.03
N ASP B 82 -25.11 -11.00 -12.63
CA ASP B 82 -25.64 -10.02 -13.57
C ASP B 82 -24.52 -9.16 -14.15
N VAL B 83 -23.65 -8.72 -13.24
CA VAL B 83 -22.51 -7.92 -13.61
C VAL B 83 -21.77 -8.75 -14.64
N GLN B 84 -21.49 -10.03 -14.39
CA GLN B 84 -20.78 -10.80 -15.43
C GLN B 84 -21.52 -10.82 -16.76
N SER B 85 -22.85 -10.85 -16.68
CA SER B 85 -23.73 -10.85 -17.84
C SER B 85 -23.76 -9.51 -18.56
N ILE B 86 -23.84 -8.45 -17.80
CA ILE B 86 -23.86 -7.18 -18.47
C ILE B 86 -22.52 -6.99 -19.19
N VAL B 87 -21.43 -7.30 -18.53
CA VAL B 87 -20.16 -7.15 -19.18
C VAL B 87 -19.99 -7.96 -20.45
N GLY B 88 -20.59 -9.14 -20.49
CA GLY B 88 -20.47 -9.97 -21.68
C GLY B 88 -21.20 -9.25 -22.82
N LEU B 89 -22.40 -8.76 -22.50
CA LEU B 89 -23.19 -8.02 -23.47
C LEU B 89 -22.51 -6.72 -23.82
N ALA B 90 -21.93 -6.04 -22.85
CA ALA B 90 -21.29 -4.80 -23.22
C ALA B 90 -20.13 -5.12 -24.18
N ASN B 91 -19.42 -6.23 -24.02
CA ASN B 91 -18.33 -6.52 -24.94
C ASN B 91 -18.94 -6.93 -26.30
N LYS B 92 -20.17 -7.42 -26.30
CA LYS B 92 -20.70 -7.81 -27.59
C LYS B 92 -20.93 -6.58 -28.46
N PHE B 93 -21.67 -5.65 -27.90
CA PHE B 93 -21.99 -4.40 -28.55
C PHE B 93 -20.96 -3.33 -28.33
N SER B 94 -19.91 -3.55 -27.56
CA SER B 94 -19.06 -2.38 -27.43
C SER B 94 -19.74 -1.14 -26.76
N PHE B 95 -20.53 -1.43 -25.73
CA PHE B 95 -21.30 -0.46 -24.94
C PHE B 95 -20.44 -0.12 -23.72
N PRO B 96 -20.11 1.13 -23.39
CA PRO B 96 -19.27 1.33 -22.21
C PRO B 96 -20.08 1.39 -20.95
N LEU B 97 -19.45 0.83 -19.93
CA LEU B 97 -20.00 0.77 -18.58
C LEU B 97 -19.47 1.88 -17.63
N TRP B 98 -20.28 2.36 -16.69
CA TRP B 98 -19.81 3.40 -15.74
C TRP B 98 -20.38 2.90 -14.43
N PRO B 99 -19.51 2.18 -13.75
CA PRO B 99 -19.82 1.58 -12.44
C PRO B 99 -19.75 2.57 -11.26
N ILE B 100 -20.81 2.59 -10.46
CA ILE B 100 -20.82 3.49 -9.31
C ILE B 100 -21.33 2.59 -8.14
N SER B 101 -20.95 2.90 -6.89
CA SER B 101 -21.41 2.13 -5.73
C SER B 101 -22.68 2.79 -5.17
N ILE B 102 -22.53 4.08 -4.90
CA ILE B 102 -23.61 4.85 -4.34
C ILE B 102 -23.79 6.15 -5.17
N GLY B 103 -22.73 6.64 -5.81
CA GLY B 103 -22.97 7.84 -6.60
C GLY B 103 -22.87 9.15 -5.85
N ARG B 104 -22.45 9.12 -4.60
CA ARG B 104 -22.33 10.39 -3.92
C ARG B 104 -20.99 11.04 -4.23
N ASN B 105 -20.35 10.82 -5.37
CA ASN B 105 -19.07 11.49 -5.58
C ASN B 105 -19.30 12.97 -6.02
N SER B 106 -20.33 13.65 -5.49
CA SER B 106 -20.65 15.07 -5.80
C SER B 106 -19.33 15.77 -5.45
N GLY B 107 -19.01 16.90 -6.08
CA GLY B 107 -17.73 17.59 -5.82
C GLY B 107 -16.75 17.01 -6.85
N TYR B 108 -17.03 15.81 -7.42
CA TYR B 108 -16.17 15.15 -8.41
C TYR B 108 -16.88 14.64 -9.64
N GLY B 109 -18.19 14.86 -9.62
CA GLY B 109 -18.97 14.43 -10.74
C GLY B 109 -20.24 13.69 -10.35
N GLY B 110 -20.32 13.14 -9.14
CA GLY B 110 -21.52 12.40 -8.78
C GLY B 110 -21.50 11.04 -9.56
N ALA B 111 -22.71 10.56 -9.89
CA ALA B 111 -22.98 9.32 -10.61
C ALA B 111 -22.61 9.38 -12.10
N ALA B 112 -22.45 10.59 -12.65
CA ALA B 112 -22.11 10.81 -14.06
C ALA B 112 -20.81 10.14 -14.52
N PRO B 113 -20.92 9.62 -15.76
CA PRO B 113 -19.94 8.88 -16.59
C PRO B 113 -19.02 9.81 -17.36
N ARG B 114 -17.73 9.53 -17.54
CA ARG B 114 -16.88 10.47 -18.31
C ARG B 114 -17.43 10.60 -19.76
N VAL B 115 -17.80 9.47 -20.33
CA VAL B 115 -18.34 9.37 -21.67
C VAL B 115 -19.86 9.34 -21.69
N SER B 116 -20.53 10.35 -22.25
CA SER B 116 -22.00 10.32 -22.29
C SER B 116 -22.60 9.22 -23.19
N GLY B 117 -23.76 8.67 -22.80
CA GLY B 117 -24.44 7.61 -23.55
C GLY B 117 -24.06 6.26 -22.92
N SER B 118 -23.11 6.24 -21.98
CA SER B 118 -22.69 5.01 -21.31
C SER B 118 -23.85 4.52 -20.44
N VAL B 119 -23.77 3.24 -20.06
CA VAL B 119 -24.81 2.70 -19.18
C VAL B 119 -24.28 2.94 -17.77
N VAL B 120 -25.08 3.48 -16.86
CA VAL B 120 -24.61 3.69 -15.48
C VAL B 120 -24.98 2.43 -14.72
N LEU B 121 -24.01 1.85 -14.05
CA LEU B 121 -24.36 0.63 -13.35
C LEU B 121 -24.56 0.86 -11.86
N ASP B 122 -25.77 0.98 -11.31
CA ASP B 122 -25.69 1.18 -9.86
C ASP B 122 -25.65 -0.14 -9.16
N MET B 123 -24.43 -0.48 -8.77
CA MET B 123 -24.07 -1.69 -8.07
C MET B 123 -24.74 -1.68 -6.70
N GLY B 124 -24.69 -0.53 -6.07
CA GLY B 124 -25.25 -0.34 -4.75
C GLY B 124 -26.73 -0.63 -4.51
N LYS B 125 -27.62 -0.49 -5.48
CA LYS B 125 -29.01 -0.75 -5.17
C LYS B 125 -29.33 -2.14 -4.65
N ASN B 126 -28.97 -3.13 -5.44
CA ASN B 126 -29.24 -4.50 -5.05
C ASN B 126 -28.12 -5.20 -4.32
N MET B 127 -26.91 -4.70 -4.55
CA MET B 127 -25.72 -5.24 -3.93
C MET B 127 -25.25 -4.53 -2.66
N ASN B 128 -26.19 -4.41 -1.73
CA ASN B 128 -26.09 -3.78 -0.40
C ASN B 128 -25.57 -4.51 0.83
N ARG B 129 -25.14 -5.76 0.75
CA ARG B 129 -24.77 -6.45 1.98
C ARG B 129 -23.56 -6.37 2.89
N VAL B 130 -23.79 -6.38 4.21
CA VAL B 130 -22.61 -6.39 5.08
C VAL B 130 -22.25 -7.88 5.04
N LEU B 131 -21.16 -8.24 4.38
CA LEU B 131 -20.84 -9.66 4.30
C LEU B 131 -20.22 -10.28 5.52
N GLU B 132 -19.62 -9.45 6.35
CA GLU B 132 -19.01 -9.99 7.55
C GLU B 132 -18.38 -8.90 8.39
N VAL B 133 -18.39 -9.09 9.70
CA VAL B 133 -17.77 -8.13 10.61
C VAL B 133 -17.02 -9.16 11.44
N ASN B 134 -15.70 -9.23 11.31
CA ASN B 134 -14.87 -10.16 12.07
C ASN B 134 -14.18 -9.47 13.25
N VAL B 135 -14.60 -9.88 14.45
CA VAL B 135 -14.05 -9.29 15.68
C VAL B 135 -12.63 -9.65 16.05
N GLU B 136 -12.27 -10.92 15.96
CA GLU B 136 -10.90 -11.23 16.34
C GLU B 136 -9.90 -10.65 15.36
N GLY B 137 -10.25 -10.76 14.09
CA GLY B 137 -9.48 -10.28 12.97
C GLY B 137 -9.64 -8.76 12.87
N ALA B 138 -10.69 -8.21 13.48
CA ALA B 138 -10.90 -6.77 13.45
C ALA B 138 -11.03 -6.20 12.06
N TYR B 139 -12.01 -6.77 11.34
CA TYR B 139 -12.30 -6.39 9.96
C TYR B 139 -13.80 -6.56 9.57
N CYS B 140 -14.19 -6.06 8.40
CA CYS B 140 -15.56 -6.20 7.89
C CYS B 140 -15.27 -6.49 6.41
N VAL B 141 -16.28 -7.04 5.74
CA VAL B 141 -16.21 -7.39 4.32
C VAL B 141 -17.51 -6.79 3.79
N VAL B 142 -17.37 -6.06 2.66
CA VAL B 142 -18.51 -5.39 2.09
C VAL B 142 -18.74 -5.30 0.56
N GLU B 143 -20.02 -5.07 0.22
CA GLU B 143 -20.62 -4.86 -1.09
C GLU B 143 -20.79 -3.35 -1.30
N PRO B 144 -20.84 -2.94 -2.54
CA PRO B 144 -20.96 -1.50 -2.79
C PRO B 144 -22.10 -0.74 -2.13
N GLY B 145 -23.30 -1.30 -2.13
CA GLY B 145 -24.43 -0.61 -1.54
C GLY B 145 -24.26 -0.36 -0.04
N VAL B 146 -23.17 -0.85 0.53
CA VAL B 146 -23.01 -0.60 1.95
C VAL B 146 -22.48 0.78 2.28
N THR B 147 -23.37 1.65 2.72
CA THR B 147 -22.95 2.99 3.07
C THR B 147 -22.45 2.96 4.50
N TYR B 148 -21.85 4.09 4.83
CA TYR B 148 -21.32 4.27 6.16
C TYR B 148 -22.36 4.19 7.28
N HIS B 149 -23.53 4.84 7.14
CA HIS B 149 -24.58 4.87 8.18
C HIS B 149 -24.99 3.42 8.43
N ASP B 150 -25.25 2.78 7.30
CA ASP B 150 -25.63 1.38 7.23
C ASP B 150 -24.61 0.62 8.00
N LEU B 151 -23.31 0.78 7.72
CA LEU B 151 -22.35 -0.04 8.50
C LEU B 151 -22.47 0.18 10.01
N HIS B 152 -22.75 1.43 10.33
CA HIS B 152 -22.89 1.86 11.72
C HIS B 152 -24.09 1.18 12.37
N ASN B 153 -25.21 1.31 11.68
CA ASN B 153 -26.44 0.71 12.16
C ASN B 153 -26.24 -0.80 12.26
N TYR B 154 -25.45 -1.34 11.34
CA TYR B 154 -25.19 -2.76 11.38
C TYR B 154 -24.48 -3.04 12.72
N LEU B 155 -23.44 -2.29 13.04
CA LEU B 155 -22.76 -2.55 14.29
C LEU B 155 -23.60 -2.36 15.54
N GLU B 156 -24.43 -1.32 15.54
CA GLU B 156 -25.29 -1.00 16.67
C GLU B 156 -26.26 -2.13 17.02
N ALA B 157 -27.03 -2.50 16.00
CA ALA B 157 -28.04 -3.53 16.10
C ALA B 157 -27.49 -4.92 16.24
N ASN B 158 -26.19 -5.05 16.37
CA ASN B 158 -25.57 -6.35 16.50
C ASN B 158 -24.67 -6.06 17.67
N ASN B 159 -24.97 -4.96 18.34
CA ASN B 159 -24.20 -4.55 19.50
C ASN B 159 -22.68 -4.50 19.39
N LEU B 160 -22.14 -4.43 18.19
CA LEU B 160 -20.69 -4.40 17.99
C LEU B 160 -19.95 -3.09 18.28
N ARG B 161 -20.74 -2.10 18.63
CA ARG B 161 -20.17 -0.80 18.91
C ARG B 161 -19.06 -0.75 19.92
N ASP B 162 -19.19 -1.56 20.96
CA ASP B 162 -18.19 -1.59 22.01
C ASP B 162 -16.89 -2.30 21.72
N LYS B 163 -16.86 -3.04 20.63
CA LYS B 163 -15.62 -3.74 20.32
C LYS B 163 -14.92 -3.09 19.17
N LEU B 164 -15.71 -2.61 18.22
CA LEU B 164 -15.04 -2.01 17.07
C LEU B 164 -15.55 -0.70 16.55
N TRP B 165 -14.61 0.15 16.19
CA TRP B 165 -14.95 1.46 15.64
C TRP B 165 -14.83 1.66 14.10
N LEU B 166 -15.78 2.38 13.49
CA LEU B 166 -15.75 2.73 12.04
C LEU B 166 -14.81 3.95 11.82
N ASP B 167 -14.62 4.30 10.56
CA ASP B 167 -13.78 5.44 10.21
C ASP B 167 -14.52 6.02 9.03
N VAL B 168 -15.06 7.18 9.32
CA VAL B 168 -15.85 7.94 8.37
C VAL B 168 -15.26 9.21 7.79
N PRO B 169 -15.71 9.60 6.60
CA PRO B 169 -15.23 10.81 5.98
C PRO B 169 -16.21 11.86 6.58
N ASP B 170 -16.19 13.12 6.15
CA ASP B 170 -17.11 14.13 6.68
C ASP B 170 -18.64 13.83 6.65
N LEU B 171 -19.12 13.16 5.61
CA LEU B 171 -20.53 12.77 5.45
C LEU B 171 -20.88 11.30 5.70
N GLY B 172 -22.12 10.97 6.08
CA GLY B 172 -22.54 9.57 6.33
C GLY B 172 -23.04 8.65 5.18
N GLY B 173 -23.54 9.23 4.11
CA GLY B 173 -24.04 8.50 2.96
C GLY B 173 -23.10 7.81 1.96
N GLY B 174 -21.79 8.08 2.01
CA GLY B 174 -20.93 7.42 1.06
C GLY B 174 -20.87 5.91 1.28
N SER B 175 -20.34 5.22 0.27
CA SER B 175 -20.13 3.80 0.21
C SER B 175 -18.76 3.53 0.83
N VAL B 176 -18.71 2.55 1.72
CA VAL B 176 -17.42 2.27 2.34
C VAL B 176 -16.44 1.81 1.30
N LEU B 177 -17.01 1.09 0.33
CA LEU B 177 -16.26 0.57 -0.77
C LEU B 177 -15.76 1.56 -1.82
N GLY B 178 -16.72 2.29 -2.36
CA GLY B 178 -16.40 3.29 -3.38
C GLY B 178 -15.40 4.30 -2.87
N ASN B 179 -15.59 4.75 -1.63
CA ASN B 179 -14.67 5.74 -1.08
C ASN B 179 -13.26 5.19 -1.09
N ALA B 180 -13.16 3.95 -0.67
CA ALA B 180 -11.85 3.32 -0.58
C ALA B 180 -11.10 3.17 -1.87
N VAL B 181 -11.90 2.94 -2.90
CA VAL B 181 -11.33 2.79 -4.27
C VAL B 181 -10.77 4.10 -4.72
N GLU B 182 -11.51 5.17 -4.42
CA GLU B 182 -11.10 6.53 -4.74
C GLU B 182 -9.94 6.96 -3.90
N ARG B 183 -9.62 6.12 -2.90
CA ARG B 183 -8.51 6.42 -1.97
C ARG B 183 -8.93 7.58 -1.05
N GLY B 184 -10.23 7.58 -0.74
CA GLY B 184 -10.87 8.58 0.13
C GLY B 184 -10.22 8.74 1.52
N VAL B 185 -10.74 9.66 2.32
CA VAL B 185 -10.13 9.87 3.64
C VAL B 185 -11.11 10.22 4.74
N GLY B 186 -10.70 9.82 5.93
CA GLY B 186 -11.52 10.05 7.11
C GLY B 186 -10.61 10.45 8.28
N TYR B 187 -11.30 10.76 9.35
CA TYR B 187 -10.57 11.22 10.50
C TYR B 187 -10.01 10.49 11.73
N THR B 188 -10.16 9.17 11.87
CA THR B 188 -9.64 8.49 13.05
C THR B 188 -8.17 8.09 12.78
N PRO B 189 -7.56 7.23 13.60
CA PRO B 189 -6.18 6.87 13.27
C PRO B 189 -6.23 5.94 12.03
N TYR B 190 -7.41 5.48 11.68
CA TYR B 190 -7.57 4.59 10.52
C TYR B 190 -8.04 5.39 9.29
N GLY B 191 -7.68 6.68 9.22
CA GLY B 191 -8.11 7.53 8.11
C GLY B 191 -7.73 7.19 6.67
N ASP B 192 -6.52 6.66 6.46
CA ASP B 192 -6.10 6.33 5.11
C ASP B 192 -6.98 5.12 4.73
N HIS B 193 -8.16 5.43 4.17
CA HIS B 193 -9.04 4.35 3.83
C HIS B 193 -8.48 3.22 2.98
N TRP B 194 -7.92 3.62 1.85
CA TRP B 194 -7.37 2.62 0.97
C TRP B 194 -6.31 1.72 1.62
N MET B 195 -5.41 2.30 2.41
CA MET B 195 -4.40 1.49 3.07
C MET B 195 -4.96 0.51 4.10
N MET B 196 -6.26 0.60 4.36
CA MET B 196 -6.96 -0.26 5.32
C MET B 196 -7.67 -1.53 4.82
N HIS B 197 -7.69 -1.67 3.51
CA HIS B 197 -8.32 -2.77 2.78
C HIS B 197 -7.49 -4.04 2.72
N SER B 198 -8.12 -5.20 2.58
CA SER B 198 -7.33 -6.43 2.42
C SER B 198 -8.33 -7.34 1.71
N GLY B 199 -7.87 -7.95 0.62
CA GLY B 199 -8.62 -8.88 -0.23
C GLY B 199 -9.91 -8.33 -0.82
N MET B 200 -9.87 -8.11 -2.12
CA MET B 200 -11.07 -7.62 -2.76
C MET B 200 -11.32 -8.45 -3.99
N GLU B 201 -12.58 -8.39 -4.34
CA GLU B 201 -13.13 -9.05 -5.50
C GLU B 201 -13.58 -8.08 -6.59
N VAL B 202 -13.20 -8.43 -7.81
CA VAL B 202 -13.51 -7.63 -8.97
C VAL B 202 -13.88 -8.50 -10.15
N VAL B 203 -14.77 -7.95 -10.99
CA VAL B 203 -15.21 -8.58 -12.24
C VAL B 203 -14.24 -7.95 -13.28
N LEU B 204 -13.41 -8.73 -13.97
CA LEU B 204 -12.51 -8.15 -14.96
C LEU B 204 -13.32 -7.73 -16.18
N ALA B 205 -12.66 -7.10 -17.14
CA ALA B 205 -13.33 -6.60 -18.36
C ALA B 205 -13.79 -7.75 -19.25
N ASN B 206 -13.11 -8.87 -19.06
CA ASN B 206 -13.39 -10.10 -19.77
C ASN B 206 -14.58 -10.83 -19.15
N GLY B 207 -14.97 -10.37 -17.96
CA GLY B 207 -16.10 -10.93 -17.24
C GLY B 207 -15.73 -11.92 -16.14
N GLU B 208 -14.45 -12.26 -16.10
CA GLU B 208 -13.95 -13.18 -15.13
C GLU B 208 -13.71 -12.51 -13.80
N LEU B 209 -13.95 -13.29 -12.74
CA LEU B 209 -13.77 -12.96 -11.34
C LEU B 209 -12.36 -13.17 -10.84
N LEU B 210 -11.97 -12.18 -10.04
CA LEU B 210 -10.65 -12.18 -9.45
C LEU B 210 -10.73 -11.78 -7.95
N ARG B 211 -9.85 -12.31 -7.09
CA ARG B 211 -9.89 -11.99 -5.67
C ARG B 211 -8.42 -11.73 -5.44
N THR B 212 -8.09 -10.61 -4.81
CA THR B 212 -6.70 -10.26 -4.62
C THR B 212 -6.00 -10.76 -3.38
N GLY B 213 -4.66 -10.70 -3.39
CA GLY B 213 -3.88 -11.15 -2.25
C GLY B 213 -4.12 -12.62 -1.89
N MET B 214 -4.39 -12.82 -0.59
CA MET B 214 -4.66 -14.08 0.10
C MET B 214 -6.07 -14.47 -0.30
N GLY B 215 -6.71 -13.59 -1.08
CA GLY B 215 -8.06 -13.85 -1.58
C GLY B 215 -7.82 -14.91 -2.69
N ALA B 216 -6.61 -15.01 -3.22
CA ALA B 216 -6.37 -16.01 -4.26
C ALA B 216 -6.15 -17.44 -3.75
N LEU B 217 -5.75 -17.50 -2.48
CA LEU B 217 -5.50 -18.76 -1.78
C LEU B 217 -6.94 -19.17 -1.44
N PRO B 218 -7.40 -20.22 -2.10
CA PRO B 218 -8.76 -20.68 -1.87
C PRO B 218 -9.10 -21.32 -0.50
N ASP B 219 -10.28 -21.02 0.04
CA ASP B 219 -10.65 -21.60 1.34
C ASP B 219 -10.67 -23.11 1.06
N PRO B 220 -10.29 -23.93 2.05
CA PRO B 220 -10.29 -25.37 1.81
C PRO B 220 -11.72 -25.91 1.68
N LYS B 221 -11.87 -27.05 1.01
CA LYS B 221 -13.17 -27.67 0.73
C LYS B 221 -13.94 -28.29 1.87
N ARG B 222 -15.26 -28.23 1.75
CA ARG B 222 -16.10 -28.79 2.76
C ARG B 222 -17.54 -28.84 2.29
N PRO B 223 -18.20 -29.83 2.80
CA PRO B 223 -19.57 -30.14 2.46
C PRO B 223 -20.42 -28.93 2.39
N GLU B 224 -20.48 -28.22 3.51
CA GLU B 224 -21.28 -26.99 3.68
C GLU B 224 -21.11 -25.99 2.54
N THR B 225 -19.89 -25.88 2.05
CA THR B 225 -19.54 -24.98 0.97
C THR B 225 -19.54 -25.54 -0.44
N MET B 226 -19.91 -26.79 -0.64
CA MET B 226 -19.88 -27.35 -1.99
C MET B 226 -20.84 -26.85 -3.07
N GLY B 227 -20.26 -26.59 -4.22
CA GLY B 227 -21.20 -26.16 -5.24
C GLY B 227 -21.75 -24.76 -5.26
N LEU B 228 -21.18 -23.89 -4.44
CA LEU B 228 -21.61 -22.51 -4.40
C LEU B 228 -20.86 -21.83 -5.59
N LYS B 229 -21.48 -20.81 -6.20
CA LYS B 229 -20.91 -20.02 -7.29
C LYS B 229 -19.66 -19.35 -6.71
N PRO B 230 -18.58 -19.08 -7.43
CA PRO B 230 -17.38 -18.46 -6.82
C PRO B 230 -17.59 -17.13 -6.08
N GLU B 231 -18.49 -16.34 -6.64
CA GLU B 231 -18.89 -15.01 -6.14
C GLU B 231 -19.27 -15.33 -4.69
N ASP B 232 -20.00 -16.44 -4.55
CA ASP B 232 -20.53 -16.99 -3.28
C ASP B 232 -19.71 -17.81 -2.31
N GLN B 233 -18.45 -18.08 -2.65
CA GLN B 233 -17.59 -18.84 -1.77
C GLN B 233 -17.00 -18.01 -0.69
N PRO B 234 -16.85 -18.62 0.47
CA PRO B 234 -16.25 -17.92 1.57
C PRO B 234 -14.79 -17.72 1.12
N TRP B 235 -14.09 -16.95 1.94
CA TRP B 235 -12.69 -16.63 1.70
C TRP B 235 -11.76 -17.38 2.65
N SER B 236 -10.52 -17.60 2.28
CA SER B 236 -9.50 -18.27 3.10
C SER B 236 -9.29 -17.47 4.42
N LYS B 237 -8.65 -18.05 5.43
CA LYS B 237 -8.44 -17.37 6.73
C LYS B 237 -7.69 -16.04 6.74
N ILE B 238 -6.63 -15.95 5.95
CA ILE B 238 -5.84 -14.73 5.83
C ILE B 238 -6.30 -13.66 4.81
N ALA B 239 -7.37 -13.91 4.04
CA ALA B 239 -7.89 -12.98 3.01
C ALA B 239 -7.91 -11.50 3.39
N HIS B 240 -8.53 -11.29 4.57
CA HIS B 240 -8.68 -9.99 5.17
C HIS B 240 -7.75 -9.57 6.27
N LEU B 241 -6.54 -10.12 6.32
CA LEU B 241 -5.60 -9.76 7.37
C LEU B 241 -4.20 -9.45 6.86
N PHE B 242 -3.92 -9.77 5.61
CA PHE B 242 -2.61 -9.51 5.06
C PHE B 242 -2.93 -9.24 3.60
N PRO B 243 -2.90 -7.97 3.21
CA PRO B 243 -3.20 -7.56 1.83
C PRO B 243 -2.28 -8.16 0.78
N TYR B 244 -0.98 -8.31 1.07
CA TYR B 244 -0.12 -8.83 0.06
C TYR B 244 -0.27 -10.16 -0.67
N GLY B 245 -0.71 -11.23 0.00
CA GLY B 245 -0.81 -12.52 -0.69
C GLY B 245 0.61 -12.87 -1.16
N PHE B 246 0.74 -13.38 -2.39
CA PHE B 246 2.05 -13.76 -2.94
C PHE B 246 2.25 -13.18 -4.36
N GLY B 247 3.48 -12.92 -4.81
CA GLY B 247 3.74 -12.36 -6.15
C GLY B 247 3.45 -10.85 -6.35
N PRO B 248 3.27 -10.39 -7.59
CA PRO B 248 2.99 -9.00 -7.86
C PRO B 248 1.79 -8.56 -7.05
N TYR B 249 1.92 -7.44 -6.33
CA TYR B 249 0.82 -6.88 -5.52
C TYR B 249 0.03 -5.95 -6.43
N ILE B 250 -0.93 -6.48 -7.14
CA ILE B 250 -1.76 -5.76 -8.11
C ILE B 250 -3.00 -4.99 -7.67
N ASP B 251 -3.32 -5.06 -6.38
CA ASP B 251 -4.53 -4.39 -5.89
C ASP B 251 -4.75 -2.89 -6.23
N GLY B 252 -3.67 -2.12 -6.34
CA GLY B 252 -3.71 -0.69 -6.66
C GLY B 252 -4.19 -0.34 -8.08
N LEU B 253 -4.04 -1.27 -9.03
CA LEU B 253 -4.49 -1.03 -10.40
C LEU B 253 -6.01 -0.90 -10.26
N PHE B 254 -6.56 -1.19 -9.08
CA PHE B 254 -7.99 -1.09 -8.83
C PHE B 254 -8.44 0.22 -8.21
N SER B 255 -7.52 1.09 -7.81
CA SER B 255 -7.89 2.41 -7.25
C SER B 255 -7.73 3.57 -8.25
N GLN B 256 -8.82 4.29 -8.50
CA GLN B 256 -8.78 5.42 -9.44
C GLN B 256 -8.26 4.89 -10.75
N SER B 257 -8.96 3.89 -11.26
CA SER B 257 -8.53 3.31 -12.49
C SER B 257 -9.79 2.70 -13.07
N ASN B 258 -9.65 2.33 -14.36
CA ASN B 258 -10.65 1.68 -15.18
C ASN B 258 -10.44 0.17 -15.43
N MET B 259 -9.56 -0.38 -14.59
CA MET B 259 -9.12 -1.77 -14.54
C MET B 259 -10.15 -2.82 -14.18
N GLY B 260 -11.26 -2.48 -13.53
CA GLY B 260 -12.28 -3.50 -13.21
C GLY B 260 -13.51 -3.03 -12.43
N ILE B 261 -14.45 -3.97 -12.15
CA ILE B 261 -15.67 -3.63 -11.38
C ILE B 261 -15.46 -4.29 -10.02
N VAL B 262 -15.48 -3.49 -8.95
CA VAL B 262 -15.27 -4.05 -7.62
C VAL B 262 -16.56 -4.55 -7.04
N THR B 263 -16.59 -5.87 -6.77
CA THR B 263 -17.77 -6.47 -6.20
C THR B 263 -17.79 -6.55 -4.69
N LYS B 264 -16.60 -6.54 -4.08
CA LYS B 264 -16.52 -6.64 -2.62
C LYS B 264 -15.17 -6.28 -2.09
N ILE B 265 -15.13 -5.94 -0.81
CA ILE B 265 -13.82 -5.62 -0.32
C ILE B 265 -13.77 -5.75 1.20
N GLY B 266 -12.58 -6.09 1.68
CA GLY B 266 -12.33 -6.21 3.11
C GLY B 266 -11.69 -4.90 3.53
N ILE B 267 -12.21 -4.26 4.57
CA ILE B 267 -11.68 -2.98 5.09
C ILE B 267 -11.51 -3.17 6.60
N TRP B 268 -10.27 -3.08 7.07
CA TRP B 268 -9.93 -3.21 8.48
C TRP B 268 -10.60 -2.32 9.53
N LEU B 269 -11.05 -2.88 10.66
CA LEU B 269 -11.68 -2.07 11.70
C LEU B 269 -10.86 -1.85 12.98
N MET B 270 -10.90 -0.63 13.52
CA MET B 270 -10.21 -0.21 14.72
C MET B 270 -11.00 -0.64 15.98
N PRO B 271 -10.37 -1.41 16.87
CA PRO B 271 -11.03 -1.82 18.10
C PRO B 271 -11.22 -0.59 18.95
N ASN B 272 -12.30 -0.60 19.74
CA ASN B 272 -12.60 0.48 20.65
C ASN B 272 -11.29 0.62 21.40
N PRO B 273 -10.81 1.86 21.39
CA PRO B 273 -9.55 2.26 22.01
C PRO B 273 -9.47 2.38 23.52
N ARG B 274 -10.60 2.32 24.20
CA ARG B 274 -10.53 2.46 25.66
C ARG B 274 -10.33 3.91 26.08
N GLY B 275 -10.91 4.86 25.37
CA GLY B 275 -10.71 6.22 25.79
C GLY B 275 -10.65 7.07 24.54
N TYR B 276 -11.28 8.23 24.62
CA TYR B 276 -11.30 9.15 23.50
C TYR B 276 -11.58 10.59 23.89
N GLN B 277 -10.75 11.52 23.42
CA GLN B 277 -10.98 12.93 23.72
C GLN B 277 -10.68 13.80 22.51
N SER B 278 -11.76 14.44 22.06
CA SER B 278 -11.67 15.34 20.92
C SER B 278 -11.51 16.80 21.32
N TYR B 279 -10.87 17.59 20.47
CA TYR B 279 -10.70 18.99 20.81
C TYR B 279 -10.47 19.96 19.67
N LEU B 280 -10.45 21.23 20.05
CA LEU B 280 -10.28 22.35 19.15
C LEU B 280 -9.29 23.31 19.69
N ILE B 281 -8.55 23.89 18.77
CA ILE B 281 -7.54 24.86 19.14
C ILE B 281 -7.75 25.95 18.10
N THR B 282 -8.14 27.12 18.59
CA THR B 282 -8.35 28.22 17.66
C THR B 282 -7.05 28.98 17.42
N LEU B 283 -6.73 29.27 16.15
CA LEU B 283 -5.53 30.00 15.71
C LEU B 283 -6.07 31.37 15.37
N PRO B 284 -5.65 32.37 16.11
CA PRO B 284 -6.20 33.67 15.86
C PRO B 284 -5.97 34.36 14.51
N LYS B 285 -4.72 34.51 14.10
CA LYS B 285 -4.37 35.16 12.82
C LYS B 285 -4.28 34.30 11.52
N ASP B 286 -4.70 34.84 10.39
CA ASP B 286 -4.65 34.19 9.08
C ASP B 286 -3.23 33.63 8.86
N GLY B 287 -2.25 34.41 9.25
CA GLY B 287 -0.83 34.07 9.12
C GLY B 287 -0.38 32.98 10.06
N ASP B 288 -1.25 32.62 10.98
CA ASP B 288 -0.85 31.56 11.94
C ASP B 288 -0.70 30.12 11.38
N LEU B 289 -1.30 29.92 10.19
CA LEU B 289 -1.28 28.66 9.46
C LEU B 289 0.20 28.34 9.44
N LYS B 290 1.01 29.36 9.23
CA LYS B 290 2.40 29.03 9.20
C LYS B 290 3.12 28.27 10.34
N GLN B 291 2.97 28.81 11.53
CA GLN B 291 3.62 28.22 12.69
C GLN B 291 2.89 26.96 13.11
N ALA B 292 1.56 26.97 13.02
CA ALA B 292 0.76 25.82 13.39
C ALA B 292 1.29 24.59 12.62
N VAL B 293 1.43 24.71 11.29
CA VAL B 293 1.93 23.60 10.46
C VAL B 293 3.32 23.15 10.88
N ASP B 294 4.18 24.09 11.20
CA ASP B 294 5.51 23.68 11.61
C ASP B 294 5.40 22.97 12.94
N ILE B 295 4.35 23.32 13.70
CA ILE B 295 4.03 22.76 15.00
C ILE B 295 3.49 21.33 14.73
N ILE B 296 2.40 21.23 13.97
CA ILE B 296 1.85 19.94 13.67
C ILE B 296 2.88 18.95 13.12
N ARG B 297 3.82 19.43 12.33
CA ARG B 297 4.81 18.52 11.80
C ARG B 297 5.52 17.36 12.55
N PRO B 298 6.24 17.63 13.63
CA PRO B 298 6.97 16.61 14.41
C PRO B 298 6.03 15.83 15.35
N LEU B 299 4.93 16.44 15.74
CA LEU B 299 3.99 15.74 16.59
C LEU B 299 3.24 14.67 15.80
N ARG B 300 3.13 14.86 14.49
CA ARG B 300 2.46 13.95 13.58
C ARG B 300 3.42 12.82 13.32
N LEU B 301 4.67 13.15 12.98
CA LEU B 301 5.64 12.09 12.71
C LEU B 301 5.88 11.25 13.92
N GLY B 302 5.73 11.90 15.07
CA GLY B 302 5.93 11.29 16.38
C GLY B 302 4.73 10.67 17.07
N MET B 303 3.54 10.91 16.56
CA MET B 303 2.41 10.32 17.24
C MET B 303 1.74 10.94 18.44
N ALA B 304 2.05 12.19 18.74
CA ALA B 304 1.34 12.82 19.82
C ALA B 304 0.01 12.98 19.02
N LEU B 305 0.09 13.30 17.72
CA LEU B 305 -1.07 13.48 16.82
C LEU B 305 -1.41 12.10 16.27
N GLN B 306 -2.61 11.61 16.58
CA GLN B 306 -3.04 10.28 16.17
C GLN B 306 -3.81 9.97 14.87
N ASN B 307 -5.02 10.50 14.78
CA ASN B 307 -5.89 10.31 13.65
C ASN B 307 -5.36 11.26 12.57
N VAL B 308 -6.28 11.62 11.70
CA VAL B 308 -5.88 12.56 10.68
C VAL B 308 -6.53 13.84 11.27
N PRO B 309 -5.76 14.77 11.81
CA PRO B 309 -6.32 16.01 12.34
C PRO B 309 -6.61 16.94 11.15
N THR B 310 -7.46 17.93 11.32
CA THR B 310 -7.72 18.82 10.22
C THR B 310 -7.61 20.29 10.69
N ILE B 311 -7.11 21.15 9.77
CA ILE B 311 -6.91 22.57 9.97
C ILE B 311 -7.95 23.20 9.05
N ARG B 312 -9.01 23.76 9.58
CA ARG B 312 -10.04 24.38 8.76
C ARG B 312 -9.93 25.90 8.69
N HIS B 313 -10.45 26.45 7.60
CA HIS B 313 -10.52 27.86 7.31
C HIS B 313 -11.86 28.31 7.90
N ILE B 314 -11.94 29.54 8.39
CA ILE B 314 -13.16 30.02 9.03
C ILE B 314 -14.46 29.94 8.27
N LEU B 315 -14.37 30.18 6.97
CA LEU B 315 -15.58 30.12 6.18
C LEU B 315 -16.23 28.75 6.18
N LEU B 316 -15.41 27.74 6.41
CA LEU B 316 -16.02 26.45 6.43
C LEU B 316 -16.89 26.31 7.68
N ASP B 317 -16.37 26.72 8.82
CA ASP B 317 -17.26 26.56 9.94
C ASP B 317 -18.39 27.57 9.84
N ALA B 318 -18.06 28.78 9.38
CA ALA B 318 -19.06 29.82 9.24
C ALA B 318 -20.15 29.24 8.38
N ALA B 319 -19.68 28.54 7.36
CA ALA B 319 -20.63 27.94 6.45
C ALA B 319 -21.48 26.79 6.95
N VAL B 320 -20.96 25.93 7.83
CA VAL B 320 -21.81 24.86 8.32
C VAL B 320 -22.86 25.63 9.13
N LEU B 321 -22.42 26.75 9.72
CA LEU B 321 -23.31 27.59 10.51
C LEU B 321 -24.41 28.39 9.82
N GLY B 322 -24.12 28.99 8.67
CA GLY B 322 -25.10 29.77 7.92
C GLY B 322 -24.63 30.28 6.55
N ASP B 323 -25.63 30.44 5.66
CA ASP B 323 -25.55 30.92 4.26
C ASP B 323 -24.80 32.22 4.20
N LYS B 324 -24.15 32.48 3.06
CA LYS B 324 -23.39 33.72 2.95
C LYS B 324 -24.26 34.90 3.30
N ARG B 325 -25.50 34.77 2.84
CA ARG B 325 -26.50 35.79 3.04
C ARG B 325 -26.77 36.23 4.47
N SER B 326 -26.50 35.34 5.42
CA SER B 326 -26.68 35.62 6.85
C SER B 326 -25.28 35.78 7.43
N TYR B 327 -24.48 36.72 6.94
CA TYR B 327 -23.10 37.03 7.36
C TYR B 327 -22.83 38.36 6.58
N SER B 328 -23.46 38.47 5.40
CA SER B 328 -23.39 39.61 4.48
C SER B 328 -24.08 39.54 3.10
N SER B 329 -24.78 40.62 2.73
CA SER B 329 -25.46 40.74 1.42
C SER B 329 -24.42 41.42 0.54
N ARG B 330 -23.60 40.58 -0.07
CA ARG B 330 -22.56 41.12 -0.88
C ARG B 330 -22.31 39.96 -1.81
N THR B 331 -22.35 40.34 -3.07
CA THR B 331 -22.14 39.42 -4.14
C THR B 331 -20.65 39.26 -4.05
N GLU B 332 -19.95 40.35 -3.80
CA GLU B 332 -18.53 40.13 -3.69
C GLU B 332 -17.96 39.21 -2.63
N PRO B 333 -16.68 38.87 -2.70
CA PRO B 333 -16.15 38.00 -1.68
C PRO B 333 -15.96 38.95 -0.52
N LEU B 334 -16.10 38.37 0.66
CA LEU B 334 -15.95 39.01 1.94
C LEU B 334 -14.46 39.23 2.04
N SER B 335 -14.15 40.40 2.59
CA SER B 335 -12.82 40.91 2.84
C SER B 335 -12.22 40.24 4.03
N ASP B 336 -10.92 40.43 4.12
CA ASP B 336 -10.16 39.89 5.21
C ASP B 336 -10.61 40.46 6.55
N GLU B 337 -11.25 41.62 6.55
CA GLU B 337 -11.71 42.18 7.82
C GLU B 337 -13.04 41.53 8.13
N GLU B 338 -13.88 41.30 7.13
CA GLU B 338 -15.13 40.65 7.50
C GLU B 338 -14.93 39.24 8.07
N LEU B 339 -13.85 38.59 7.69
CA LEU B 339 -13.58 37.24 8.18
C LEU B 339 -13.25 37.33 9.64
N ASP B 340 -12.32 38.23 9.96
CA ASP B 340 -11.94 38.43 11.35
C ASP B 340 -13.25 38.70 12.10
N LYS B 341 -14.20 39.40 11.52
CA LYS B 341 -15.41 39.63 12.29
C LYS B 341 -16.18 38.35 12.52
N ILE B 342 -16.41 37.60 11.45
CA ILE B 342 -17.17 36.37 11.60
C ILE B 342 -16.51 35.45 12.58
N ALA B 343 -15.20 35.39 12.44
CA ALA B 343 -14.39 34.55 13.30
C ALA B 343 -14.70 34.88 14.75
N LYS B 344 -14.79 36.17 15.05
CA LYS B 344 -15.07 36.56 16.43
C LYS B 344 -16.48 36.23 16.91
N GLN B 345 -17.45 36.43 16.02
CA GLN B 345 -18.82 36.18 16.38
C GLN B 345 -18.96 34.70 16.74
N LEU B 346 -18.23 33.87 16.01
CA LEU B 346 -18.29 32.44 16.25
C LEU B 346 -17.40 31.90 17.37
N ASN B 347 -16.49 32.72 17.89
CA ASN B 347 -15.60 32.24 18.94
C ASN B 347 -14.53 31.34 18.39
N LEU B 348 -14.38 31.40 17.08
CA LEU B 348 -13.39 30.61 16.39
C LEU B 348 -12.24 31.51 16.02
N GLY B 349 -11.26 30.86 15.39
CA GLY B 349 -10.04 31.47 14.87
C GLY B 349 -10.17 31.73 13.38
N ARG B 350 -9.02 32.07 12.82
CA ARG B 350 -8.81 32.35 11.39
C ARG B 350 -8.65 31.01 10.69
N TRP B 351 -8.00 30.15 11.48
CA TRP B 351 -7.70 28.80 11.11
C TRP B 351 -7.99 28.02 12.36
N ASN B 352 -8.78 26.98 12.13
CA ASN B 352 -9.20 26.10 13.20
C ASN B 352 -8.74 24.64 13.26
N PHE B 353 -8.05 24.26 14.31
CA PHE B 353 -7.59 22.90 14.39
C PHE B 353 -8.32 21.84 15.23
N TYR B 354 -8.88 20.80 14.60
CA TYR B 354 -9.58 19.70 15.28
C TYR B 354 -8.73 18.42 15.30
N GLY B 355 -8.71 17.72 16.42
CA GLY B 355 -7.94 16.49 16.59
C GLY B 355 -8.70 15.66 17.63
N ALA B 356 -8.14 14.52 18.06
CA ALA B 356 -8.80 13.67 19.04
C ALA B 356 -7.71 12.83 19.60
N LEU B 357 -7.96 12.48 20.85
CA LEU B 357 -7.05 11.66 21.61
C LEU B 357 -7.66 10.25 21.71
N TYR B 358 -6.80 9.24 21.77
CA TYR B 358 -7.22 7.81 21.86
C TYR B 358 -6.48 6.95 22.89
N GLY B 359 -7.21 6.14 23.66
CA GLY B 359 -6.60 5.25 24.66
C GLY B 359 -6.72 5.63 26.15
N PRO B 360 -5.89 4.97 26.95
CA PRO B 360 -5.87 5.19 28.38
C PRO B 360 -5.60 6.64 28.70
N GLU B 361 -6.42 7.12 29.64
CA GLU B 361 -6.36 8.48 30.11
C GLU B 361 -4.92 8.79 30.49
N PRO B 362 -4.28 7.83 31.11
CA PRO B 362 -2.91 8.09 31.51
C PRO B 362 -2.00 8.53 30.37
N ILE B 363 -2.25 7.96 29.20
CA ILE B 363 -1.50 8.26 27.99
C ILE B 363 -2.06 9.49 27.28
N ARG B 364 -3.40 9.60 27.21
CA ARG B 364 -4.00 10.77 26.59
C ARG B 364 -3.48 12.01 27.31
N ARG B 365 -3.46 11.90 28.63
CA ARG B 365 -3.00 12.89 29.57
C ARG B 365 -1.64 13.39 29.09
N VAL B 366 -0.67 12.48 28.96
CA VAL B 366 0.63 12.90 28.49
C VAL B 366 0.66 13.46 27.07
N LEU B 367 -0.19 12.94 26.20
CA LEU B 367 -0.18 13.42 24.83
C LEU B 367 -0.67 14.83 24.77
N TRP B 368 -1.77 15.04 25.47
CA TRP B 368 -2.40 16.35 25.53
C TRP B 368 -1.49 17.41 26.18
N GLU B 369 -0.73 17.01 27.18
CA GLU B 369 0.13 18.01 27.77
C GLU B 369 1.17 18.47 26.74
N THR B 370 1.64 17.54 25.94
CA THR B 370 2.61 17.87 24.91
C THR B 370 2.03 18.76 23.78
N ILE B 371 0.85 18.38 23.30
CA ILE B 371 0.17 19.09 22.24
C ILE B 371 -0.15 20.51 22.76
N LYS B 372 -0.89 20.60 23.86
CA LYS B 372 -1.28 21.88 24.47
C LYS B 372 -0.06 22.81 24.62
N ASP B 373 1.07 22.24 24.98
CA ASP B 373 2.29 23.01 25.17
C ASP B 373 2.96 23.53 23.91
N ALA B 374 2.93 22.75 22.84
CA ALA B 374 3.54 23.17 21.59
C ALA B 374 2.81 24.33 20.95
N PHE B 375 1.48 24.23 20.90
CA PHE B 375 0.62 25.24 20.30
C PHE B 375 0.56 26.57 21.01
N SER B 376 1.15 26.56 22.20
CA SER B 376 1.17 27.75 23.03
C SER B 376 2.09 28.87 22.56
N ALA B 377 3.03 28.55 21.67
CA ALA B 377 3.96 29.53 21.14
C ALA B 377 3.19 30.46 20.21
N ILE B 378 1.92 30.09 20.01
CA ILE B 378 1.02 30.85 19.18
C ILE B 378 0.23 31.73 20.12
N PRO B 379 0.18 33.02 19.83
CA PRO B 379 -0.56 33.93 20.68
C PRO B 379 -2.08 33.83 20.53
N GLY B 380 -2.81 34.19 21.56
CA GLY B 380 -4.26 34.13 21.46
C GLY B 380 -4.87 32.75 21.22
N VAL B 381 -4.00 31.74 21.34
CA VAL B 381 -4.44 30.36 21.18
C VAL B 381 -5.44 29.92 22.25
N LYS B 382 -6.42 29.11 21.87
CA LYS B 382 -7.42 28.64 22.82
C LYS B 382 -7.95 27.22 22.60
N PHE B 383 -7.88 26.45 23.70
CA PHE B 383 -8.32 25.07 23.68
C PHE B 383 -9.76 24.73 24.06
N TYR B 384 -10.47 23.86 23.36
CA TYR B 384 -11.81 23.64 23.86
C TYR B 384 -12.16 22.17 23.70
N PHE B 385 -13.17 21.78 24.45
CA PHE B 385 -13.68 20.42 24.41
C PHE B 385 -15.11 20.76 24.11
N PRO B 386 -15.74 19.80 23.45
CA PRO B 386 -17.12 19.90 23.00
C PRO B 386 -18.03 20.57 24.01
N GLU B 387 -17.75 20.20 25.24
CA GLU B 387 -18.49 20.70 26.39
C GLU B 387 -18.40 22.21 26.41
N ASP B 388 -17.16 22.66 26.36
CA ASP B 388 -16.78 24.05 26.33
C ASP B 388 -17.32 24.76 25.09
N THR B 389 -18.29 24.23 24.35
CA THR B 389 -18.74 25.01 23.19
C THR B 389 -20.23 24.80 22.97
N PRO B 390 -20.83 25.63 22.13
CA PRO B 390 -22.26 25.60 21.82
C PRO B 390 -22.82 24.36 21.20
N GLU B 391 -24.13 24.28 21.25
CA GLU B 391 -24.89 23.14 20.75
C GLU B 391 -24.81 22.88 19.26
N ASN B 392 -24.64 23.98 18.52
CA ASN B 392 -24.53 23.90 17.07
C ASN B 392 -23.08 23.88 16.62
N SER B 393 -22.13 23.79 17.54
CA SER B 393 -20.73 23.80 17.12
C SER B 393 -20.33 22.67 16.21
N VAL B 394 -19.23 22.92 15.49
CA VAL B 394 -18.57 22.01 14.56
C VAL B 394 -17.75 21.00 15.36
N LEU B 395 -17.17 21.42 16.49
CA LEU B 395 -16.39 20.45 17.30
C LEU B 395 -17.42 19.45 17.76
N ARG B 396 -18.61 19.94 18.11
CA ARG B 396 -19.61 18.99 18.52
C ARG B 396 -19.88 17.91 17.50
N VAL B 397 -19.97 18.31 16.22
CA VAL B 397 -20.21 17.36 15.14
C VAL B 397 -18.98 16.49 14.90
N ARG B 398 -17.85 17.14 14.66
CA ARG B 398 -16.61 16.41 14.43
C ARG B 398 -16.28 15.48 15.57
N ASP B 399 -16.95 15.69 16.70
CA ASP B 399 -16.72 14.86 17.90
C ASP B 399 -17.12 13.46 17.52
N LYS B 400 -18.32 13.31 16.97
CA LYS B 400 -18.82 12.03 16.54
C LYS B 400 -17.91 11.57 15.42
N THR B 401 -17.66 12.50 14.50
CA THR B 401 -16.82 12.18 13.36
C THR B 401 -15.49 11.53 13.70
N MET B 402 -14.75 12.05 14.68
CA MET B 402 -13.46 11.45 15.02
C MET B 402 -13.42 10.12 15.78
N GLN B 403 -14.62 9.64 16.08
CA GLN B 403 -14.87 8.37 16.72
C GLN B 403 -15.63 7.44 15.76
N GLY B 404 -15.66 7.68 14.45
CA GLY B 404 -16.39 6.77 13.59
C GLY B 404 -17.90 6.94 13.53
N ILE B 405 -18.46 7.95 14.20
CA ILE B 405 -19.91 8.13 14.13
C ILE B 405 -20.27 9.13 13.02
N PRO B 406 -21.11 8.66 12.10
CA PRO B 406 -21.66 9.33 10.91
C PRO B 406 -22.63 10.52 11.07
N THR B 407 -22.49 11.61 10.28
CA THR B 407 -23.41 12.77 10.39
C THR B 407 -23.72 13.33 9.01
N TYR B 408 -24.28 14.55 8.95
CA TYR B 408 -24.65 15.18 7.66
C TYR B 408 -24.80 16.67 7.84
N ASP B 409 -24.40 17.09 9.03
CA ASP B 409 -24.48 18.49 9.34
C ASP B 409 -23.55 19.25 8.42
N GLU B 410 -22.39 18.67 8.10
CA GLU B 410 -21.44 19.35 7.23
C GLU B 410 -21.92 19.71 5.84
N LEU B 411 -23.05 19.13 5.48
CA LEU B 411 -23.58 19.46 4.18
C LEU B 411 -24.01 20.89 4.03
N LYS B 412 -24.50 21.46 5.10
CA LYS B 412 -24.97 22.81 5.04
C LYS B 412 -23.85 23.68 4.49
N TRP B 413 -22.59 23.24 4.57
CA TRP B 413 -21.67 24.19 3.98
C TRP B 413 -21.80 24.40 2.48
N ILE B 414 -22.31 23.38 1.81
CA ILE B 414 -22.49 23.42 0.39
C ILE B 414 -23.44 24.57 0.15
N ASP B 415 -24.20 24.89 1.19
CA ASP B 415 -25.14 26.00 1.14
C ASP B 415 -24.77 27.47 1.12
N TRP B 416 -23.48 27.78 1.11
CA TRP B 416 -23.06 29.16 1.11
C TRP B 416 -23.81 30.03 0.10
N LEU B 417 -23.91 29.57 -1.15
CA LEU B 417 -24.61 30.22 -2.26
C LEU B 417 -26.00 29.68 -2.61
N PRO B 418 -26.85 30.50 -3.22
CA PRO B 418 -28.22 30.13 -3.57
C PRO B 418 -28.40 28.75 -4.18
N ASN B 419 -27.65 28.37 -5.19
CA ASN B 419 -27.99 27.00 -5.55
C ASN B 419 -26.53 26.66 -5.52
N GLY B 420 -26.12 26.31 -4.32
CA GLY B 420 -24.73 25.96 -4.07
C GLY B 420 -24.37 24.59 -4.60
N ALA B 421 -23.16 24.49 -5.12
CA ALA B 421 -22.78 23.20 -5.62
C ALA B 421 -21.32 23.30 -5.29
N HIS B 422 -20.76 22.15 -4.96
CA HIS B 422 -19.36 22.14 -4.62
C HIS B 422 -18.53 21.52 -5.71
N LEU B 423 -17.27 21.93 -5.77
CA LEU B 423 -16.33 21.40 -6.74
C LEU B 423 -15.06 21.49 -5.95
N PHE B 424 -14.35 20.38 -5.86
CA PHE B 424 -13.08 20.29 -5.12
C PHE B 424 -11.73 20.43 -5.84
N PHE B 425 -10.88 21.38 -5.45
CA PHE B 425 -9.54 21.51 -6.06
C PHE B 425 -8.73 20.75 -4.99
N SER B 426 -8.05 19.67 -5.35
CA SER B 426 -7.37 18.92 -4.31
C SER B 426 -5.91 18.59 -4.36
N PRO B 427 -5.16 19.66 -4.41
CA PRO B 427 -3.70 19.65 -4.44
C PRO B 427 -3.22 19.04 -3.10
N ILE B 428 -1.92 18.73 -2.99
CA ILE B 428 -1.28 18.15 -1.81
C ILE B 428 -0.09 19.07 -1.60
N ALA B 429 0.23 19.32 -0.33
CA ALA B 429 1.32 20.18 0.12
C ALA B 429 2.13 19.53 1.21
N LYS B 430 3.36 19.97 1.33
CA LYS B 430 4.21 19.40 2.35
C LYS B 430 3.70 19.81 3.72
N VAL B 431 4.23 19.20 4.78
CA VAL B 431 3.76 19.60 6.10
C VAL B 431 4.89 20.57 6.49
N SER B 432 4.81 21.79 5.95
CA SER B 432 5.75 22.91 6.12
C SER B 432 4.86 24.15 6.07
N GLY B 433 5.07 25.04 7.06
CA GLY B 433 4.28 26.28 7.17
C GLY B 433 4.51 27.05 5.88
N GLU B 434 5.77 27.05 5.50
CA GLU B 434 6.20 27.73 4.31
C GLU B 434 5.49 27.33 3.00
N ASP B 435 5.45 26.01 2.76
CA ASP B 435 4.84 25.42 1.59
C ASP B 435 3.32 25.58 1.67
N ALA B 436 2.81 25.34 2.86
CA ALA B 436 1.38 25.46 2.98
C ALA B 436 0.92 26.91 2.76
N MET B 437 1.77 27.84 3.18
CA MET B 437 1.43 29.25 3.09
C MET B 437 1.45 29.63 1.62
N MET B 438 2.50 29.12 0.95
CA MET B 438 2.68 29.39 -0.47
C MET B 438 1.45 28.90 -1.26
N GLN B 439 1.04 27.67 -1.00
CA GLN B 439 -0.09 27.11 -1.70
C GLN B 439 -1.40 27.87 -1.44
N TYR B 440 -1.64 28.15 -0.17
CA TYR B 440 -2.83 28.89 0.20
C TYR B 440 -2.85 30.22 -0.58
N ALA B 441 -1.69 30.82 -0.76
CA ALA B 441 -1.58 32.11 -1.48
C ALA B 441 -2.03 32.12 -2.94
N VAL B 442 -1.39 31.19 -3.63
CA VAL B 442 -1.61 30.95 -5.02
C VAL B 442 -3.11 30.74 -5.23
N THR B 443 -3.67 29.86 -4.43
CA THR B 443 -5.09 29.56 -4.54
C THR B 443 -6.08 30.59 -4.13
N LYS B 444 -5.63 31.33 -3.14
CA LYS B 444 -6.49 32.32 -2.56
C LYS B 444 -6.62 33.44 -3.56
N LYS B 445 -5.46 33.83 -4.09
CA LYS B 445 -5.40 34.89 -5.08
C LYS B 445 -6.37 34.53 -6.18
N ARG B 446 -6.18 33.37 -6.81
CA ARG B 446 -7.07 33.03 -7.90
C ARG B 446 -8.54 33.02 -7.58
N CYS B 447 -8.89 32.58 -6.37
CA CYS B 447 -10.30 32.56 -5.99
C CYS B 447 -10.79 33.98 -6.02
N GLN B 448 -9.83 34.83 -5.73
CA GLN B 448 -10.23 36.20 -5.77
C GLN B 448 -10.54 36.74 -7.16
N GLU B 449 -9.58 36.58 -8.07
CA GLU B 449 -9.80 37.04 -9.43
C GLU B 449 -11.10 36.45 -9.96
N ALA B 450 -11.53 35.29 -9.49
CA ALA B 450 -12.78 34.69 -9.97
C ALA B 450 -13.99 35.22 -9.24
N GLY B 451 -13.70 36.06 -8.27
CA GLY B 451 -14.83 36.59 -7.53
C GLY B 451 -15.40 35.56 -6.58
N LEU B 452 -14.55 34.77 -5.95
CA LEU B 452 -15.12 33.79 -5.04
C LEU B 452 -14.48 33.69 -3.71
N ASP B 453 -15.32 33.34 -2.74
CA ASP B 453 -14.74 33.21 -1.43
C ASP B 453 -13.92 31.93 -1.49
N PHE B 454 -12.71 32.02 -0.94
CA PHE B 454 -11.83 30.90 -0.84
C PHE B 454 -12.40 30.22 0.43
N ILE B 455 -12.50 28.89 0.45
CA ILE B 455 -13.01 28.13 1.59
C ILE B 455 -12.23 26.84 1.51
N GLY B 456 -11.68 26.37 2.62
CA GLY B 456 -10.90 25.15 2.50
C GLY B 456 -10.41 24.58 3.82
N THR B 457 -9.70 23.46 3.72
CA THR B 457 -9.12 22.76 4.87
C THR B 457 -8.00 21.87 4.44
N PHE B 458 -6.99 21.79 5.27
CA PHE B 458 -5.89 20.89 4.96
C PHE B 458 -6.05 19.66 5.86
N THR B 459 -6.07 18.42 5.34
CA THR B 459 -6.15 17.27 6.22
C THR B 459 -4.70 16.77 6.39
N VAL B 460 -4.36 16.60 7.66
CA VAL B 460 -3.01 16.17 8.04
C VAL B 460 -2.58 14.68 7.93
N GLY B 461 -1.81 14.44 6.87
CA GLY B 461 -1.32 13.10 6.61
C GLY B 461 -0.11 13.10 7.45
N MET B 462 0.63 12.00 7.48
CA MET B 462 1.82 11.91 8.30
C MET B 462 3.00 12.64 7.73
N ARG B 463 3.06 12.85 6.41
CA ARG B 463 4.29 13.53 5.93
C ARG B 463 3.94 14.29 4.65
N GLU B 464 2.67 14.62 4.59
CA GLU B 464 1.99 15.25 3.50
C GLU B 464 0.66 15.77 4.03
N MET B 465 0.01 16.66 3.27
CA MET B 465 -1.29 17.20 3.68
C MET B 465 -2.19 17.28 2.47
N HIS B 466 -3.47 17.05 2.67
CA HIS B 466 -4.43 17.12 1.59
C HIS B 466 -5.09 18.45 1.66
N HIS B 467 -4.79 19.31 0.69
CA HIS B 467 -5.44 20.58 0.73
C HIS B 467 -6.76 20.59 0.01
N ILE B 468 -7.88 20.43 0.71
CA ILE B 468 -9.17 20.44 0.00
C ILE B 468 -9.81 21.80 -0.23
N VAL B 469 -9.49 22.47 -1.33
CA VAL B 469 -10.14 23.77 -1.57
C VAL B 469 -11.64 23.68 -1.90
N CYS B 470 -12.57 24.08 -1.01
CA CYS B 470 -14.00 23.96 -1.39
C CYS B 470 -14.68 25.03 -2.25
N ILE B 471 -14.66 24.84 -3.56
CA ILE B 471 -15.29 25.78 -4.48
C ILE B 471 -16.83 25.72 -4.42
N VAL B 472 -17.49 26.73 -3.85
CA VAL B 472 -18.94 26.60 -3.86
C VAL B 472 -19.48 27.56 -4.91
N PHE B 473 -20.54 27.20 -5.63
CA PHE B 473 -21.02 28.11 -6.63
C PHE B 473 -22.46 27.79 -6.87
N ASN B 474 -23.04 28.74 -7.58
CA ASN B 474 -24.43 28.67 -7.93
C ASN B 474 -24.52 27.91 -9.26
N LYS B 475 -24.98 26.66 -9.23
CA LYS B 475 -25.11 25.79 -10.42
C LYS B 475 -26.05 26.36 -11.48
N LYS B 476 -26.80 27.38 -11.08
CA LYS B 476 -27.74 28.07 -11.96
C LYS B 476 -27.30 29.39 -12.64
N ASP B 477 -26.04 29.79 -12.38
CA ASP B 477 -25.36 31.00 -12.92
C ASP B 477 -24.29 30.69 -13.97
N LEU B 478 -24.64 30.91 -15.23
CA LEU B 478 -23.72 30.66 -16.33
C LEU B 478 -22.44 31.41 -16.23
N ILE B 479 -22.52 32.69 -15.89
CA ILE B 479 -21.30 33.46 -15.80
C ILE B 479 -20.34 32.91 -14.80
N GLN B 480 -20.96 32.53 -13.70
CA GLN B 480 -20.18 32.01 -12.60
C GLN B 480 -19.61 30.67 -12.88
N LYS B 481 -20.52 29.81 -13.34
CA LYS B 481 -20.12 28.43 -13.63
C LYS B 481 -18.90 28.53 -14.53
N ARG B 482 -18.91 29.51 -15.44
CA ARG B 482 -17.76 29.73 -16.32
C ARG B 482 -16.50 30.18 -15.59
N LYS B 483 -16.68 31.01 -14.57
CA LYS B 483 -15.51 31.49 -13.82
C LYS B 483 -14.98 30.30 -13.11
N VAL B 484 -15.87 29.40 -12.71
CA VAL B 484 -15.36 28.23 -11.99
C VAL B 484 -14.41 27.34 -12.81
N GLN B 485 -14.76 27.13 -14.10
CA GLN B 485 -13.95 26.31 -15.00
C GLN B 485 -12.66 27.09 -15.23
N TRP B 486 -12.74 28.42 -15.24
CA TRP B 486 -11.49 29.13 -15.46
C TRP B 486 -10.64 29.00 -14.23
N LEU B 487 -11.25 29.11 -13.06
CA LEU B 487 -10.47 29.00 -11.82
C LEU B 487 -9.75 27.68 -11.74
N MET B 488 -10.55 26.64 -11.91
CA MET B 488 -9.96 25.32 -11.84
C MET B 488 -8.76 25.06 -12.70
N ARG B 489 -8.95 25.23 -13.99
CA ARG B 489 -7.84 24.94 -14.90
C ARG B 489 -6.64 25.77 -14.64
N THR B 490 -6.91 26.96 -14.10
CA THR B 490 -5.82 27.88 -13.79
C THR B 490 -5.10 27.42 -12.53
N LEU B 491 -5.89 27.11 -11.51
CA LEU B 491 -5.28 26.63 -10.25
C LEU B 491 -4.40 25.44 -10.53
N ILE B 492 -4.97 24.56 -11.36
CA ILE B 492 -4.30 23.33 -11.77
C ILE B 492 -2.92 23.68 -12.34
N ASP B 493 -2.86 24.58 -13.33
CA ASP B 493 -1.56 24.94 -13.90
C ASP B 493 -0.65 25.65 -12.89
N ASP B 494 -1.18 26.62 -12.15
CA ASP B 494 -0.35 27.30 -11.14
C ASP B 494 0.25 26.33 -10.15
N CYS B 495 -0.55 25.46 -9.54
CA CYS B 495 0.13 24.57 -8.58
C CYS B 495 1.19 23.67 -9.11
N ALA B 496 0.94 23.17 -10.33
CA ALA B 496 1.95 22.27 -10.91
C ALA B 496 3.23 23.03 -11.13
N ALA B 497 3.06 24.30 -11.50
CA ALA B 497 4.19 25.20 -11.73
C ALA B 497 4.99 25.36 -10.44
N ASN B 498 4.30 25.10 -9.34
CA ASN B 498 4.89 25.17 -8.03
C ASN B 498 5.33 23.84 -7.49
N GLY B 499 5.30 22.79 -8.32
CA GLY B 499 5.71 21.46 -7.83
C GLY B 499 4.60 20.71 -7.06
N TRP B 500 3.32 21.01 -7.25
CA TRP B 500 2.28 20.31 -6.51
C TRP B 500 1.23 19.83 -7.50
N GLY B 501 0.69 18.63 -7.27
CA GLY B 501 -0.34 18.06 -8.15
C GLY B 501 -1.48 17.57 -7.27
N GLU B 502 -2.67 17.44 -7.87
CA GLU B 502 -3.87 16.98 -7.22
C GLU B 502 -3.91 15.45 -7.00
N TYR B 503 -4.61 15.03 -5.93
CA TYR B 503 -4.75 13.62 -5.54
C TYR B 503 -6.01 12.94 -6.10
N ARG B 504 -7.08 13.69 -6.38
CA ARG B 504 -8.32 13.12 -6.89
C ARG B 504 -9.03 14.25 -7.64
N THR B 505 -9.95 14.04 -8.59
CA THR B 505 -10.54 15.24 -9.24
C THR B 505 -11.90 14.93 -9.86
N HIS B 506 -12.50 15.97 -10.46
CA HIS B 506 -13.80 15.85 -11.12
C HIS B 506 -13.72 15.31 -12.57
N LEU B 507 -14.83 14.78 -13.10
CA LEU B 507 -14.89 14.24 -14.47
C LEU B 507 -14.28 15.19 -15.50
N ALA B 508 -14.53 16.47 -15.33
CA ALA B 508 -13.99 17.44 -16.25
C ALA B 508 -12.53 17.82 -16.12
N PHE B 509 -11.76 17.34 -15.15
CA PHE B 509 -10.37 17.84 -15.14
C PHE B 509 -9.29 16.82 -15.13
N MET B 510 -9.79 15.59 -15.25
CA MET B 510 -9.00 14.36 -15.28
C MET B 510 -7.88 14.38 -16.29
N ASP B 511 -8.23 14.76 -17.52
CA ASP B 511 -7.21 14.83 -18.61
C ASP B 511 -6.18 15.85 -18.24
N GLN B 512 -6.69 17.02 -17.87
CA GLN B 512 -5.81 18.13 -17.49
C GLN B 512 -4.91 17.70 -16.36
N ILE B 513 -5.52 17.19 -15.30
CA ILE B 513 -4.66 16.74 -14.22
C ILE B 513 -3.71 15.64 -14.65
N MET B 514 -4.17 14.64 -15.40
CA MET B 514 -3.18 13.64 -15.78
C MET B 514 -2.04 14.20 -16.62
N GLU B 515 -2.33 15.22 -17.42
CA GLU B 515 -1.29 15.80 -18.25
C GLU B 515 -0.18 16.43 -17.44
N THR B 516 -0.52 16.67 -16.18
CA THR B 516 0.38 17.28 -15.21
C THR B 516 1.44 16.38 -14.72
N TYR B 517 1.02 15.13 -14.63
CA TYR B 517 1.88 14.05 -14.17
C TYR B 517 2.80 13.55 -15.27
N ASN B 518 3.37 14.47 -16.02
CA ASN B 518 4.24 14.14 -17.13
C ASN B 518 5.70 13.86 -17.13
N TRP B 519 6.29 13.58 -15.98
CA TRP B 519 7.73 13.36 -16.02
C TRP B 519 8.13 12.40 -17.13
N ASN B 520 9.20 12.76 -17.81
CA ASN B 520 9.74 11.96 -18.91
C ASN B 520 8.73 11.53 -19.94
N ASN B 521 8.44 12.56 -20.70
CA ASN B 521 7.54 12.45 -21.82
C ASN B 521 6.24 11.70 -21.63
N SER B 522 5.67 11.76 -20.43
CA SER B 522 4.39 11.12 -20.10
C SER B 522 4.48 9.62 -19.88
N SER B 523 5.67 9.19 -19.47
CA SER B 523 5.94 7.79 -19.21
C SER B 523 4.82 7.09 -18.40
N PHE B 524 4.26 7.83 -17.46
CA PHE B 524 3.20 7.32 -16.62
C PHE B 524 1.87 7.08 -17.34
N LEU B 525 1.33 8.01 -18.12
CA LEU B 525 0.06 7.72 -18.79
C LEU B 525 0.27 6.60 -19.82
N ARG B 526 1.44 6.65 -20.45
CA ARG B 526 1.72 5.61 -21.42
C ARG B 526 1.80 4.21 -20.84
N PHE B 527 2.41 4.05 -19.67
CA PHE B 527 2.51 2.72 -19.07
C PHE B 527 1.08 2.32 -18.76
N ASN B 528 0.36 3.29 -18.23
CA ASN B 528 -1.03 3.01 -17.92
C ASN B 528 -1.89 2.58 -19.08
N GLU B 529 -1.71 3.26 -20.20
CA GLU B 529 -2.48 2.94 -21.38
C GLU B 529 -2.29 1.51 -21.87
N VAL B 530 -1.02 1.09 -21.88
CA VAL B 530 -0.58 -0.24 -22.26
C VAL B 530 -1.28 -1.31 -21.42
N LEU B 531 -1.39 -1.09 -20.11
CA LEU B 531 -2.03 -2.05 -19.19
C LEU B 531 -3.54 -2.11 -19.41
N LYS B 532 -4.16 -0.97 -19.65
CA LYS B 532 -5.61 -0.98 -19.85
C LYS B 532 -6.04 -1.66 -21.17
N ASN B 533 -5.27 -1.47 -22.23
CA ASN B 533 -5.70 -2.09 -23.48
C ASN B 533 -5.63 -3.59 -23.49
N ALA B 534 -4.68 -4.09 -22.71
CA ALA B 534 -4.40 -5.51 -22.53
C ALA B 534 -5.60 -6.18 -21.88
N VAL B 535 -6.06 -5.56 -20.81
CA VAL B 535 -7.18 -6.08 -20.07
C VAL B 535 -8.48 -5.56 -20.59
N ASP B 536 -8.46 -4.54 -21.45
CA ASP B 536 -9.74 -4.01 -21.93
C ASP B 536 -9.71 -3.54 -23.36
N PRO B 537 -9.29 -4.54 -24.10
CA PRO B 537 -9.13 -4.68 -25.53
C PRO B 537 -10.39 -4.03 -26.14
N ASN B 538 -11.59 -4.23 -25.60
CA ASN B 538 -12.73 -3.53 -26.21
C ASN B 538 -13.08 -2.20 -25.61
N GLY B 539 -12.30 -1.69 -24.63
CA GLY B 539 -12.54 -0.41 -23.95
C GLY B 539 -13.92 -0.35 -23.31
N ILE B 540 -14.39 -1.39 -22.65
CA ILE B 540 -15.75 -1.22 -22.15
C ILE B 540 -15.97 -0.68 -20.76
N ILE B 541 -14.90 -0.71 -20.00
CA ILE B 541 -15.07 -0.27 -18.63
C ILE B 541 -14.56 1.12 -18.41
N ALA B 542 -15.46 2.02 -18.04
CA ALA B 542 -15.05 3.39 -17.77
C ALA B 542 -13.94 4.08 -18.60
N PRO B 543 -14.12 4.23 -19.90
CA PRO B 543 -13.06 4.90 -20.66
C PRO B 543 -12.92 6.38 -20.25
N GLY B 544 -11.67 6.83 -20.19
CA GLY B 544 -11.45 8.20 -19.80
C GLY B 544 -11.22 8.51 -18.32
N LYS B 545 -11.60 7.60 -17.43
CA LYS B 545 -11.42 7.73 -16.01
C LYS B 545 -9.95 8.01 -15.83
N SER B 546 -9.67 8.97 -14.94
CA SER B 546 -8.32 9.40 -14.56
C SER B 546 -7.51 9.77 -15.79
N GLY B 547 -8.25 10.00 -16.87
CA GLY B 547 -7.63 10.35 -18.14
C GLY B 547 -7.04 9.12 -18.80
N VAL B 548 -7.50 7.93 -18.42
CA VAL B 548 -6.91 6.80 -19.08
C VAL B 548 -7.88 6.35 -20.18
N TRP B 549 -7.44 6.48 -21.43
CA TRP B 549 -8.28 6.10 -22.56
C TRP B 549 -8.05 4.78 -23.31
N PRO B 550 -9.09 3.99 -23.56
CA PRO B 550 -8.88 2.76 -24.32
C PRO B 550 -8.43 3.28 -25.72
N SER B 551 -7.72 2.47 -26.50
CA SER B 551 -7.26 2.90 -27.82
C SER B 551 -8.39 3.17 -28.81
N GLN B 552 -9.53 2.59 -28.52
CA GLN B 552 -10.71 2.77 -29.34
C GLN B 552 -11.21 4.23 -29.23
N TYR B 553 -10.74 4.91 -28.18
CA TYR B 553 -11.04 6.32 -27.85
C TYR B 553 -9.90 7.28 -28.20
N SER B 554 -10.22 8.16 -29.13
CA SER B 554 -9.34 9.18 -29.69
C SER B 554 -9.03 10.34 -28.74
N HIS B 555 -7.74 10.59 -28.49
CA HIS B 555 -7.41 11.67 -27.59
C HIS B 555 -7.95 13.00 -28.11
N VAL B 556 -7.99 13.10 -29.44
CA VAL B 556 -8.49 14.31 -30.12
C VAL B 556 -9.98 14.49 -29.90
N THR B 557 -10.68 13.37 -29.91
CA THR B 557 -12.11 13.46 -29.72
C THR B 557 -12.44 13.47 -28.25
N TRP B 558 -11.64 12.75 -27.49
CA TRP B 558 -11.96 12.66 -26.08
C TRP B 558 -11.49 13.56 -24.97
N LYS B 559 -10.23 13.95 -24.97
CA LYS B 559 -9.80 14.81 -23.90
C LYS B 559 -10.53 16.12 -23.69
N LEU B 560 -10.20 16.83 -22.62
CA LEU B 560 -10.74 18.13 -22.20
C LEU B 560 -9.65 18.46 -21.19
C ACT C . 12.38 -13.57 5.78
O ACT C . 11.73 -13.63 4.70
OXT ACT C . 11.98 -12.83 6.72
CH3 ACT C . 13.66 -14.39 5.93
CL CL D . 18.76 -10.19 6.86
PA FAD E . 18.93 -9.24 -3.81
O1A FAD E . 19.72 -10.49 -3.66
O2A FAD E . 19.49 -8.09 -4.57
O5B FAD E . 17.49 -9.64 -4.38
C5B FAD E . 16.39 -8.96 -4.45
C4B FAD E . 15.42 -9.78 -5.27
O4B FAD E . 14.37 -8.82 -5.55
C3B FAD E . 15.98 -10.21 -6.63
O3B FAD E . 16.02 -11.64 -6.73
C2B FAD E . 14.91 -9.72 -7.61
O2B FAD E . 13.83 -10.62 -7.71
C1B FAD E . 14.42 -8.46 -6.91
N9A FAD E . 15.28 -7.29 -7.17
C8A FAD E . 16.44 -6.94 -6.57
N7A FAD E . 16.97 -5.83 -7.05
C5A FAD E . 16.08 -5.46 -8.04
C6A FAD E . 16.06 -4.36 -8.94
N6A FAD E . 17.00 -3.42 -8.97
N1A FAD E . 15.01 -4.28 -9.80
C2A FAD E . 14.07 -5.23 -9.76
N3A FAD E . 13.99 -6.30 -8.97
C4A FAD E . 15.03 -6.34 -8.13
N1 FAD E . 14.94 -11.12 4.94
C2 FAD E . 14.12 -10.22 5.47
O2 FAD E . 13.39 -9.55 4.74
N3 FAD E . 14.05 -10.03 6.85
C4 FAD E . 14.85 -10.75 7.72
O4 FAD E . 14.79 -10.53 8.93
C4X FAD E . 15.73 -11.73 7.14
N5 FAD E . 16.58 -12.41 7.94
C5X FAD E . 17.47 -13.23 7.37
C6 FAD E . 18.32 -13.96 8.21
C7 FAD E . 19.22 -14.89 7.68
C7M FAD E . 20.13 -15.67 8.58
C8 FAD E . 19.26 -15.11 6.27
C8M FAD E . 20.23 -16.11 5.68
C9 FAD E . 18.42 -14.37 5.44
C9A FAD E . 17.53 -13.41 5.95
N10 FAD E . 16.68 -12.71 5.15
C10 FAD E . 15.74 -11.87 5.72
C1' FAD E . 16.69 -12.91 3.68
C2' FAD E . 17.60 -11.94 2.93
O2' FAD E . 18.89 -11.90 3.52
C3' FAD E . 17.05 -10.52 2.85
O3' FAD E . 15.71 -10.51 2.34
C4' FAD E . 17.95 -9.67 1.98
O4' FAD E . 17.73 -8.29 2.27
C5' FAD E . 17.71 -9.92 0.49
O5' FAD E . 18.93 -10.00 -0.23
P FAD E . 19.32 -8.62 -0.96
O1P FAD E . 18.76 -7.49 -0.17
O2P FAD E . 20.78 -8.64 -1.28
O3P FAD E . 18.47 -8.73 -2.33
C ACT F . -12.06 14.96 -0.42
O ACT F . -11.53 14.47 -1.44
OXT ACT F . -11.56 14.77 0.72
CH3 ACT F . -13.34 15.80 -0.56
CL CL G . -18.19 12.46 2.70
PA FAD H . -19.48 6.71 -5.94
O1A FAD H . -20.27 7.89 -6.35
O2A FAD H . -20.09 5.35 -5.98
O5B FAD H . -18.11 6.73 -6.77
C5B FAD H . -17.00 6.06 -6.60
C4B FAD H . -16.15 6.35 -7.81
O4B FAD H . -15.11 5.34 -7.69
C3B FAD H . -16.85 6.08 -9.14
O3B FAD H . -16.92 7.27 -9.93
C2B FAD H . -15.88 5.13 -9.85
O2B FAD H . -14.83 5.82 -10.49
C1B FAD H . -15.29 4.37 -8.69
N9A FAD H . -16.14 3.25 -8.25
C8A FAD H . -17.24 3.27 -7.44
N7A FAD H . -17.79 2.09 -7.26
C5A FAD H . -17.00 1.24 -8.02
C6A FAD H . -17.04 -0.15 -8.26
N6A FAD H . -17.96 -0.96 -7.74
N1A FAD H . -16.09 -0.67 -9.07
C2A FAD H . -15.17 0.13 -9.60
N3A FAD H . -15.04 1.45 -9.44
C4A FAD H . -15.98 1.94 -8.64
N1 FAD H . -14.65 12.51 0.31
C2 FAD H . -13.76 11.96 1.13
O2 FAD H . -13.09 11.00 0.76
N3 FAD H . -13.55 12.46 2.42
C4 FAD H . -14.26 13.55 2.90
O4 FAD H . -14.07 13.95 4.04
C4X FAD H . -15.21 14.14 2.00
N5 FAD H . -15.98 15.16 2.44
C5X FAD H . -16.96 15.62 1.63
C6 FAD H . -17.72 16.70 2.09
C7 FAD H . -18.69 17.28 1.26
C7M FAD H . -19.53 18.43 1.75
C8 FAD H . -18.88 16.77 -0.06
C8M FAD H . -19.93 17.39 -0.97
C9 FAD H . -18.11 15.70 -0.51
C9A FAD H . -17.16 15.10 0.32
N10 FAD H . -16.37 14.05 -0.11
C10 FAD H . -15.38 13.57 0.70
C1' FAD H . -16.55 13.51 -1.48
C2' FAD H . -17.51 12.33 -1.57
O2' FAD H . -18.73 12.62 -0.90
C3' FAD H . -16.94 11.04 -0.99
O3' FAD H . -15.67 10.73 -1.55
C4' FAD H . -17.92 9.88 -1.23
O4' FAD H . -17.65 8.83 -0.32
C5' FAD H . -17.83 9.37 -2.66
O5' FAD H . -19.12 9.13 -3.21
P FAD H . -19.55 7.58 -3.12
O1P FAD H . -18.88 6.96 -1.95
O2P FAD H . -21.04 7.49 -3.27
O3P FAD H . -18.86 6.98 -4.46
#